data_7SFK
#
_entry.id   7SFK
#
_cell.length_a   1.00
_cell.length_b   1.00
_cell.length_c   1.00
_cell.angle_alpha   90.00
_cell.angle_beta   90.00
_cell.angle_gamma   90.00
#
_symmetry.space_group_name_H-M   'P 1'
#
loop_
_entity.id
_entity.type
_entity.pdbx_description
1 polymer ChRmine
2 non-polymer 1,2-dioleoyl-sn-glycero-3-phosphoethanolamine
3 non-polymer RETINAL
4 water water
#
_entity_poly.entity_id   1
_entity_poly.type   'polypeptide(L)'
_entity_poly.pdbx_seq_one_letter_code
;M(AYA)HAPGTDQMFYVGTMDGWYLDTKLNSVAIGAHWSCFIVLTITTFYLGYESWTSRGPSKRTSFYAGYQEEQNLALF
VNFFAMLSYFGKIVADTLGHNFGDVGPFIIGFGNYRYADYMLTCPMLVYDLLYQLRAPYRVSCSAIIFAILMSGVLAEFY
AEGDPRLRNGAYAWYGFGCFWFIFAYSIVMSIVAKQYSRLAQLAQDTGAEHSLHVLKFAVFTFSMLWILFPLVWAICPRG
FGWIDDNWTEVAHCVCDIVAKSCYGFALARFRKTYDEELFRLLEQLGHDEDEFQKLELDMRLSSNGERLRRLSLNSLEVL
FQ
;
_entity_poly.pdbx_strand_id   A,B,C
#
# COMPACT_ATOMS: atom_id res chain seq x y z
N HIS A 3 30.13 -1.71 6.82
CA HIS A 3 31.49 -1.44 6.38
C HIS A 3 31.51 -0.94 4.94
N ALA A 4 32.49 -0.09 4.64
CA ALA A 4 32.69 0.44 3.29
C ALA A 4 34.15 0.23 2.89
N PRO A 5 34.41 -0.01 1.61
CA PRO A 5 35.80 -0.23 1.17
C PRO A 5 36.63 1.03 1.30
N GLY A 6 37.87 0.84 1.76
CA GLY A 6 38.81 1.93 1.87
C GLY A 6 38.72 2.76 3.14
N THR A 7 37.72 2.51 3.99
CA THR A 7 37.57 3.23 5.24
C THR A 7 37.39 2.24 6.38
N ASP A 8 37.91 2.61 7.54
CA ASP A 8 37.71 1.83 8.75
C ASP A 8 36.47 2.27 9.53
N GLN A 9 35.85 3.38 9.14
CA GLN A 9 34.68 3.88 9.83
C GLN A 9 33.44 3.04 9.46
N MET A 10 32.51 2.94 10.39
CA MET A 10 31.28 2.17 10.21
C MET A 10 30.09 3.11 10.16
N PHE A 11 29.13 2.79 9.29
CA PHE A 11 27.96 3.63 9.06
C PHE A 11 26.73 2.91 9.56
N TYR A 12 25.95 3.59 10.40
CA TYR A 12 24.82 2.98 11.10
C TYR A 12 23.48 3.26 10.43
N VAL A 13 23.46 3.91 9.26
CA VAL A 13 22.21 4.19 8.59
C VAL A 13 21.66 2.91 7.97
N GLY A 14 20.39 2.62 8.22
CA GLY A 14 19.76 1.45 7.64
C GLY A 14 20.16 0.13 8.27
N THR A 15 20.74 0.15 9.47
CA THR A 15 21.17 -1.07 10.15
C THR A 15 20.53 -1.15 11.52
N MET A 16 20.45 -2.37 12.04
CA MET A 16 19.99 -2.59 13.41
C MET A 16 21.08 -2.33 14.44
N ASP A 17 22.34 -2.16 14.00
CA ASP A 17 23.41 -1.80 14.92
C ASP A 17 23.18 -0.40 15.50
N GLY A 18 22.70 0.53 14.67
CA GLY A 18 22.40 1.86 15.15
C GLY A 18 21.15 1.94 15.98
N TRP A 19 20.27 0.94 15.87
CA TRP A 19 19.07 0.90 16.69
C TRP A 19 19.40 0.75 18.17
N TYR A 20 20.49 0.05 18.49
CA TYR A 20 20.90 -0.17 19.87
C TYR A 20 21.82 0.91 20.41
N LEU A 21 22.18 1.89 19.59
CA LEU A 21 23.04 2.98 20.05
C LEU A 21 22.26 3.93 20.95
N ASP A 22 22.99 4.66 21.77
CA ASP A 22 22.38 5.65 22.64
C ASP A 22 21.83 6.82 21.83
N THR A 23 20.82 7.49 22.38
CA THR A 23 20.21 8.62 21.70
C THR A 23 21.17 9.79 21.61
N LYS A 24 21.00 10.59 20.56
CA LYS A 24 21.85 11.75 20.31
C LYS A 24 21.11 13.06 20.49
N LEU A 25 19.88 13.02 20.99
CA LEU A 25 19.05 14.20 21.16
C LEU A 25 19.22 14.79 22.56
N ASN A 26 18.85 16.05 22.70
CA ASN A 26 18.89 16.75 23.96
C ASN A 26 17.46 16.97 24.46
N SER A 27 17.34 17.74 25.55
CA SER A 27 16.04 17.96 26.16
C SER A 27 15.10 18.74 25.26
N VAL A 28 15.64 19.59 24.39
CA VAL A 28 14.80 20.42 23.52
C VAL A 28 14.04 19.55 22.53
N ALA A 29 14.73 18.61 21.89
CA ALA A 29 14.09 17.74 20.91
C ALA A 29 13.06 16.82 21.57
N ILE A 30 13.37 16.31 22.77
CA ILE A 30 12.42 15.46 23.49
C ILE A 30 11.18 16.25 23.88
N GLY A 31 11.37 17.49 24.34
CA GLY A 31 10.21 18.33 24.66
C GLY A 31 9.37 18.65 23.44
N ALA A 32 10.02 18.88 22.30
CA ALA A 32 9.29 19.11 21.06
C ALA A 32 8.48 17.89 20.65
N HIS A 33 9.07 16.70 20.77
CA HIS A 33 8.35 15.47 20.47
C HIS A 33 7.16 15.28 21.39
N TRP A 34 7.34 15.56 22.68
CA TRP A 34 6.23 15.42 23.63
C TRP A 34 5.11 16.39 23.30
N SER A 35 5.45 17.65 22.99
CA SER A 35 4.44 18.64 22.67
C SER A 35 3.67 18.25 21.40
N CYS A 36 4.38 17.79 20.38
CA CYS A 36 3.73 17.37 19.15
C CYS A 36 2.83 16.18 19.39
N PHE A 37 3.27 15.21 20.19
CA PHE A 37 2.45 14.04 20.48
C PHE A 37 1.17 14.43 21.23
N ILE A 38 1.29 15.34 22.20
CA ILE A 38 0.12 15.77 22.96
C ILE A 38 -0.87 16.49 22.05
N VAL A 39 -0.36 17.39 21.20
CA VAL A 39 -1.23 18.14 20.30
C VAL A 39 -1.94 17.20 19.33
N LEU A 40 -1.20 16.25 18.76
CA LEU A 40 -1.80 15.31 17.82
C LEU A 40 -2.84 14.42 18.49
N THR A 41 -2.58 13.99 19.73
CA THR A 41 -3.56 13.18 20.46
C THR A 41 -4.84 13.96 20.74
N ILE A 42 -4.70 15.22 21.17
CA ILE A 42 -5.88 16.04 21.44
C ILE A 42 -6.68 16.26 20.16
N THR A 43 -6.00 16.56 19.06
CA THR A 43 -6.69 16.78 17.80
C THR A 43 -7.36 15.50 17.31
N THR A 44 -6.72 14.34 17.50
CA THR A 44 -7.31 13.08 17.10
C THR A 44 -8.59 12.79 17.87
N PHE A 45 -8.56 13.02 19.19
CA PHE A 45 -9.77 12.81 19.98
C PHE A 45 -10.88 13.79 19.59
N TYR A 46 -10.51 15.04 19.32
CA TYR A 46 -11.51 16.03 18.91
C TYR A 46 -12.16 15.65 17.58
N LEU A 47 -11.35 15.23 16.61
CA LEU A 47 -11.88 14.83 15.32
C LEU A 47 -12.69 13.54 15.41
N GLY A 48 -12.30 12.61 16.29
CA GLY A 48 -13.09 11.42 16.50
C GLY A 48 -14.45 11.73 17.11
N TYR A 49 -14.49 12.65 18.07
CA TYR A 49 -15.76 13.07 18.64
C TYR A 49 -16.61 13.78 17.59
N GLU A 50 -15.98 14.56 16.70
CA GLU A 50 -16.71 15.17 15.61
C GLU A 50 -17.31 14.13 14.69
N SER A 51 -16.54 13.09 14.37
CA SER A 51 -17.01 12.05 13.46
C SER A 51 -18.14 11.23 14.07
N TRP A 52 -18.08 10.97 15.37
CA TRP A 52 -19.16 10.23 16.02
C TRP A 52 -20.46 11.02 15.99
N THR A 53 -20.42 12.27 16.45
CA THR A 53 -21.61 13.12 16.49
C THR A 53 -21.69 14.03 15.28
N SER A 54 -21.71 13.44 14.09
CA SER A 54 -21.67 14.18 12.83
C SER A 54 -23.01 14.06 12.13
N ARG A 55 -23.89 15.02 12.37
CA ARG A 55 -25.06 15.19 11.54
C ARG A 55 -24.64 15.86 10.24
N GLY A 56 -25.31 15.53 9.15
CA GLY A 56 -24.94 16.04 7.85
C GLY A 56 -25.23 17.52 7.69
N PRO A 57 -25.01 18.04 6.49
CA PRO A 57 -25.36 19.45 6.22
C PRO A 57 -26.84 19.74 6.45
N SER A 58 -27.72 18.78 6.19
CA SER A 58 -29.13 18.92 6.48
C SER A 58 -29.45 18.68 7.95
N LYS A 59 -28.49 18.21 8.75
CA LYS A 59 -28.68 17.89 10.16
C LYS A 59 -29.81 16.88 10.36
N ARG A 60 -29.90 15.92 9.45
CA ARG A 60 -30.89 14.86 9.52
C ARG A 60 -30.27 13.48 9.58
N THR A 61 -29.24 13.22 8.78
CA THR A 61 -28.57 11.92 8.82
C THR A 61 -27.80 11.77 10.12
N SER A 62 -27.92 10.58 10.73
CA SER A 62 -27.33 10.34 12.05
C SER A 62 -25.83 10.04 11.94
N PHE A 63 -25.47 8.94 11.29
CA PHE A 63 -24.07 8.58 11.09
C PHE A 63 -23.62 8.99 9.70
N TYR A 64 -23.61 10.31 9.49
CA TYR A 64 -23.22 10.85 8.19
C TYR A 64 -21.78 10.51 7.85
N ALA A 65 -20.88 10.66 8.83
CA ALA A 65 -19.48 10.35 8.59
C ALA A 65 -19.23 8.86 8.46
N GLY A 66 -20.15 8.02 8.96
CA GLY A 66 -20.00 6.58 8.81
C GLY A 66 -20.25 6.07 7.42
N TYR A 67 -21.02 6.79 6.62
CA TYR A 67 -21.32 6.41 5.24
C TYR A 67 -20.53 7.23 4.22
N GLN A 68 -20.39 8.53 4.45
CA GLN A 68 -19.48 9.38 3.68
C GLN A 68 -18.19 9.47 4.47
N GLU A 69 -17.31 8.48 4.27
CA GLU A 69 -16.13 8.33 5.10
C GLU A 69 -14.96 9.21 4.66
N GLU A 70 -15.06 9.88 3.51
CA GLU A 70 -14.03 10.85 3.14
C GLU A 70 -13.94 11.97 4.16
N GLN A 71 -15.05 12.28 4.83
CA GLN A 71 -15.03 13.28 5.90
C GLN A 71 -14.10 12.87 7.03
N ASN A 72 -13.90 11.57 7.22
CA ASN A 72 -12.98 11.09 8.25
C ASN A 72 -11.53 11.11 7.80
N LEU A 73 -11.27 11.41 6.53
CA LEU A 73 -9.93 11.25 5.96
C LEU A 73 -8.89 12.04 6.74
N ALA A 74 -9.16 13.32 7.00
CA ALA A 74 -8.24 14.15 7.78
C ALA A 74 -7.96 13.53 9.14
N LEU A 75 -9.02 13.03 9.80
CA LEU A 75 -8.85 12.35 11.08
C LEU A 75 -7.82 11.24 10.96
N PHE A 76 -7.94 10.41 9.91
CA PHE A 76 -6.99 9.32 9.69
C PHE A 76 -5.56 9.84 9.74
N VAL A 77 -5.31 10.93 9.01
CA VAL A 77 -3.98 11.53 8.95
C VAL A 77 -3.45 11.75 10.36
N ASN A 78 -4.23 12.48 11.17
CA ASN A 78 -3.76 12.82 12.51
C ASN A 78 -3.52 11.58 13.33
N PHE A 79 -4.43 10.60 13.21
CA PHE A 79 -4.27 9.35 13.95
C PHE A 79 -2.92 8.73 13.64
N PHE A 80 -2.62 8.59 12.34
CA PHE A 80 -1.35 7.96 11.98
C PHE A 80 -0.19 8.83 12.41
N ALA A 81 -0.34 10.15 12.33
CA ALA A 81 0.70 11.06 12.79
C ALA A 81 0.98 10.80 14.27
N MET A 82 -0.09 10.63 15.05
CA MET A 82 0.07 10.33 16.47
C MET A 82 0.90 9.07 16.66
N LEU A 83 0.60 8.03 15.87
CA LEU A 83 1.37 6.79 15.96
C LEU A 83 2.84 7.07 15.69
N SER A 84 3.11 7.86 14.65
CA SER A 84 4.49 8.13 14.26
C SER A 84 5.25 8.86 15.35
N TYR A 85 4.53 9.55 16.25
CA TYR A 85 5.23 10.22 17.33
C TYR A 85 5.30 9.38 18.59
N PHE A 86 4.37 8.45 18.77
CA PHE A 86 4.36 7.63 19.98
C PHE A 86 5.67 6.86 20.10
N GLY A 87 6.08 6.21 19.01
CA GLY A 87 7.36 5.51 19.01
C GLY A 87 8.52 6.41 19.36
N LYS A 88 8.51 7.64 18.82
CA LYS A 88 9.57 8.59 19.17
C LYS A 88 9.61 8.81 20.66
N ILE A 89 8.44 9.02 21.27
CA ILE A 89 8.36 9.17 22.72
C ILE A 89 8.96 7.96 23.40
N VAL A 90 8.60 6.76 22.92
CA VAL A 90 9.12 5.54 23.51
C VAL A 90 10.64 5.53 23.45
N ALA A 91 11.18 5.90 22.28
CA ALA A 91 12.63 5.95 22.15
C ALA A 91 13.22 6.97 23.12
N ASP A 92 12.57 8.13 23.23
CA ASP A 92 13.04 9.15 24.15
C ASP A 92 12.98 8.66 25.59
N THR A 93 12.03 7.79 25.90
CA THR A 93 11.96 7.24 27.25
C THR A 93 12.98 6.14 27.45
N LEU A 94 13.34 5.43 26.38
CA LEU A 94 14.29 4.33 26.51
C LEU A 94 15.72 4.81 26.35
N GLY A 95 15.93 5.89 25.62
CA GLY A 95 17.25 6.44 25.44
C GLY A 95 18.07 5.83 24.34
N HIS A 96 17.44 5.17 23.37
CA HIS A 96 18.15 4.55 22.26
C HIS A 96 17.96 5.37 21.00
N ASN A 97 18.87 5.18 20.05
CA ASN A 97 18.86 5.94 18.81
C ASN A 97 17.66 5.55 17.95
N PHE A 98 17.07 6.55 17.30
CA PHE A 98 15.84 6.37 16.54
C PHE A 98 15.88 7.01 15.16
N GLY A 99 16.94 7.75 14.83
CA GLY A 99 16.99 8.46 13.57
C GLY A 99 17.66 7.70 12.45
N ASP A 100 16.87 7.33 11.43
CA ASP A 100 17.34 6.65 10.23
C ASP A 100 18.05 5.33 10.57
N VAL A 101 17.53 4.63 11.57
CA VAL A 101 18.07 3.34 11.99
C VAL A 101 16.92 2.37 12.19
N GLY A 102 17.26 1.09 12.15
CA GLY A 102 16.28 0.04 12.35
C GLY A 102 15.57 -0.36 11.07
N PRO A 103 14.44 -1.04 11.22
CA PRO A 103 13.69 -1.49 10.04
C PRO A 103 13.02 -0.33 9.31
N PHE A 104 12.81 -0.51 8.01
CA PHE A 104 12.14 0.47 7.17
C PHE A 104 10.69 0.04 7.00
N ILE A 105 9.77 0.77 7.63
CA ILE A 105 8.34 0.51 7.53
C ILE A 105 7.66 1.78 7.06
N ILE A 106 6.82 1.66 6.03
CA ILE A 106 6.08 2.81 5.54
C ILE A 106 4.96 3.12 6.52
N GLY A 107 4.89 4.38 6.96
CA GLY A 107 3.94 4.80 7.96
C GLY A 107 4.51 4.94 9.35
N PHE A 108 5.77 4.55 9.56
CA PHE A 108 6.43 4.70 10.84
C PHE A 108 7.52 5.74 10.73
N GLY A 109 7.74 6.49 11.81
CA GLY A 109 8.58 7.67 11.77
C GLY A 109 10.03 7.46 12.16
N ASN A 110 10.52 6.22 12.15
CA ASN A 110 11.92 5.97 12.43
C ASN A 110 12.82 6.49 11.33
N TYR A 111 12.27 6.73 10.14
CA TYR A 111 12.96 7.42 9.06
C TYR A 111 12.27 8.74 8.80
N ARG A 112 13.01 9.70 8.24
CA ARG A 112 12.60 11.10 8.26
C ARG A 112 11.29 11.32 7.50
N TYR A 113 11.16 10.74 6.31
CA TYR A 113 9.99 10.98 5.47
C TYR A 113 9.20 9.70 5.19
N ALA A 114 9.47 8.63 5.93
CA ALA A 114 8.73 7.38 5.74
C ALA A 114 7.32 7.46 6.33
N ASP A 115 7.15 8.21 7.42
CA ASP A 115 5.82 8.37 7.99
C ASP A 115 4.93 9.24 7.12
N TYR A 116 5.51 10.24 6.45
CA TYR A 116 4.73 11.12 5.59
C TYR A 116 4.16 10.42 4.38
N MET A 117 4.72 9.26 4.00
CA MET A 117 4.27 8.56 2.81
C MET A 117 2.81 8.14 2.93
N LEU A 118 2.40 7.71 4.12
CA LEU A 118 1.03 7.26 4.32
C LEU A 118 0.05 8.43 4.41
N THR A 119 0.45 9.54 5.04
CA THR A 119 -0.49 10.59 5.41
C THR A 119 -0.56 11.74 4.42
N CYS A 120 0.55 12.08 3.75
CA CYS A 120 0.54 13.24 2.85
C CYS A 120 -0.38 13.07 1.66
N PRO A 121 -0.42 11.95 0.94
CA PRO A 121 -1.42 11.83 -0.13
C PRO A 121 -2.85 11.97 0.35
N MET A 122 -3.16 11.46 1.55
CA MET A 122 -4.48 11.66 2.13
C MET A 122 -4.74 13.14 2.40
N LEU A 123 -3.72 13.86 2.88
CA LEU A 123 -3.86 15.30 3.09
C LEU A 123 -4.17 16.02 1.79
N VAL A 124 -3.43 15.68 0.72
CA VAL A 124 -3.63 16.35 -0.57
C VAL A 124 -5.01 16.06 -1.14
N TYR A 125 -5.43 14.79 -1.09
CA TYR A 125 -6.76 14.44 -1.61
C TYR A 125 -7.85 15.11 -0.78
N ASP A 126 -7.69 15.11 0.55
CA ASP A 126 -8.69 15.75 1.41
C ASP A 126 -8.79 17.24 1.12
N LEU A 127 -7.66 17.89 0.86
CA LEU A 127 -7.70 19.32 0.56
C LEU A 127 -8.33 19.58 -0.81
N LEU A 128 -8.04 18.72 -1.80
CA LEU A 128 -8.58 18.96 -3.14
C LEU A 128 -10.06 18.61 -3.23
N TYR A 129 -10.55 17.74 -2.34
CA TYR A 129 -11.96 17.35 -2.37
C TYR A 129 -12.86 18.50 -1.93
N GLN A 130 -12.41 19.30 -0.96
CA GLN A 130 -13.25 20.37 -0.42
C GLN A 130 -13.65 21.40 -1.47
N LEU A 131 -12.92 21.46 -2.58
CA LEU A 131 -13.32 22.30 -3.71
C LEU A 131 -13.82 21.48 -4.89
N ARG A 132 -13.93 20.15 -4.74
CA ARG A 132 -14.31 19.24 -5.82
C ARG A 132 -13.39 19.39 -7.02
N ALA A 133 -12.11 19.57 -6.74
CA ALA A 133 -11.10 19.84 -7.75
C ALA A 133 -10.78 18.58 -8.55
N PRO A 134 -10.37 18.73 -9.81
CA PRO A 134 -9.87 17.60 -10.57
C PRO A 134 -8.42 17.28 -10.23
N TYR A 135 -7.95 16.16 -10.76
CA TYR A 135 -6.57 15.69 -10.59
C TYR A 135 -6.24 15.51 -9.11
N ARG A 136 -6.98 14.63 -8.45
CA ARG A 136 -6.78 14.39 -7.02
C ARG A 136 -5.84 13.22 -6.76
N VAL A 137 -6.09 12.08 -7.41
CA VAL A 137 -5.21 10.92 -7.24
C VAL A 137 -3.84 11.19 -7.87
N SER A 138 -3.79 11.95 -8.96
CA SER A 138 -2.51 12.27 -9.58
C SER A 138 -1.61 13.07 -8.65
N CYS A 139 -2.17 14.07 -7.97
CA CYS A 139 -1.39 14.85 -7.02
C CYS A 139 -0.92 14.00 -5.85
N SER A 140 -1.79 13.10 -5.38
CA SER A 140 -1.40 12.20 -4.30
C SER A 140 -0.24 11.30 -4.72
N ALA A 141 -0.29 10.77 -5.94
CA ALA A 141 0.78 9.91 -6.42
C ALA A 141 2.09 10.67 -6.58
N ILE A 142 2.02 11.90 -7.09
CA ILE A 142 3.27 12.66 -7.27
C ILE A 142 3.84 13.08 -5.93
N ILE A 143 2.98 13.33 -4.93
CA ILE A 143 3.47 13.62 -3.58
C ILE A 143 4.13 12.39 -2.98
N PHE A 144 3.56 11.20 -3.22
CA PHE A 144 4.18 9.97 -2.77
C PHE A 144 5.56 9.79 -3.40
N ALA A 145 5.67 10.08 -4.69
CA ALA A 145 6.97 10.00 -5.36
C ALA A 145 7.98 11.00 -4.79
N ILE A 146 7.51 12.21 -4.48
CA ILE A 146 8.39 13.22 -3.89
C ILE A 146 8.91 12.76 -2.53
N LEU A 147 8.03 12.17 -1.72
CA LEU A 147 8.46 11.68 -0.41
C LEU A 147 9.44 10.52 -0.54
N MET A 148 9.23 9.64 -1.53
CA MET A 148 10.19 8.57 -1.76
C MET A 148 11.55 9.12 -2.17
N SER A 149 11.55 10.17 -3.00
CA SER A 149 12.81 10.83 -3.36
C SER A 149 13.50 11.42 -2.13
N GLY A 150 12.72 12.02 -1.22
CA GLY A 150 13.29 12.54 0.00
C GLY A 150 13.88 11.45 0.88
N VAL A 151 13.23 10.29 0.93
CA VAL A 151 13.76 9.17 1.71
C VAL A 151 15.08 8.67 1.12
N LEU A 152 15.16 8.56 -0.21
CA LEU A 152 16.42 8.16 -0.84
C LEU A 152 17.52 9.20 -0.60
N ALA A 153 17.17 10.48 -0.62
CA ALA A 153 18.15 11.51 -0.31
C ALA A 153 18.65 11.39 1.13
N GLU A 154 17.74 11.06 2.05
CA GLU A 154 18.13 10.83 3.44
C GLU A 154 19.08 9.64 3.57
N PHE A 155 18.82 8.58 2.81
CA PHE A 155 19.73 7.43 2.78
C PHE A 155 21.10 7.82 2.27
N TYR A 156 21.16 8.61 1.19
CA TYR A 156 22.45 8.96 0.60
C TYR A 156 23.23 9.94 1.47
N ALA A 157 22.54 10.80 2.21
CA ALA A 157 23.23 11.85 2.95
C ALA A 157 23.93 11.29 4.20
N GLU A 158 23.40 10.23 4.78
CA GLU A 158 23.87 9.72 6.06
C GLU A 158 24.89 8.59 5.93
N GLY A 159 25.28 8.22 4.72
CA GLY A 159 26.13 7.07 4.49
C GLY A 159 27.57 7.43 4.19
N ASP A 160 28.15 6.71 3.24
CA ASP A 160 29.54 6.92 2.85
C ASP A 160 29.68 8.30 2.20
N PRO A 161 30.68 9.09 2.62
CA PRO A 161 30.87 10.42 1.98
C PRO A 161 31.19 10.34 0.50
N ARG A 162 31.65 9.19 0.01
CA ARG A 162 31.88 9.02 -1.42
C ARG A 162 30.59 9.13 -2.23
N LEU A 163 29.45 8.83 -1.62
CA LEU A 163 28.16 8.86 -2.30
C LEU A 163 27.29 10.02 -1.83
N ARG A 164 27.90 11.13 -1.44
CA ARG A 164 27.13 12.27 -0.91
C ARG A 164 26.32 12.96 -2.00
N ASN A 165 26.81 12.94 -3.24
CA ASN A 165 26.16 13.68 -4.31
C ASN A 165 24.84 13.06 -4.75
N GLY A 166 24.55 11.82 -4.36
CA GLY A 166 23.26 11.24 -4.67
C GLY A 166 22.11 11.92 -3.94
N ALA A 167 22.37 12.42 -2.73
CA ALA A 167 21.35 13.16 -1.98
C ALA A 167 20.95 14.42 -2.72
N TYR A 168 21.92 15.13 -3.30
CA TYR A 168 21.60 16.35 -4.05
C TYR A 168 20.81 16.02 -5.31
N ALA A 169 21.13 14.92 -5.98
CA ALA A 169 20.38 14.52 -7.17
C ALA A 169 18.94 14.18 -6.82
N TRP A 170 18.74 13.42 -5.74
CA TRP A 170 17.38 13.07 -5.35
C TRP A 170 16.59 14.29 -4.87
N TYR A 171 17.27 15.22 -4.17
CA TYR A 171 16.63 16.46 -3.76
C TYR A 171 16.21 17.29 -4.97
N GLY A 172 17.07 17.35 -5.99
CA GLY A 172 16.70 18.08 -7.21
C GLY A 172 15.53 17.46 -7.94
N PHE A 173 15.50 16.12 -8.02
CA PHE A 173 14.37 15.41 -8.60
C PHE A 173 13.08 15.75 -7.86
N GLY A 174 13.11 15.63 -6.53
CA GLY A 174 11.93 15.93 -5.74
C GLY A 174 11.49 17.38 -5.85
N CYS A 175 12.45 18.30 -5.89
CA CYS A 175 12.11 19.72 -5.98
C CYS A 175 11.52 20.08 -7.35
N PHE A 176 12.05 19.47 -8.41
CA PHE A 176 11.47 19.68 -9.75
C PHE A 176 10.01 19.24 -9.77
N TRP A 177 9.75 18.01 -9.32
CA TRP A 177 8.38 17.53 -9.37
C TRP A 177 7.48 18.25 -8.36
N PHE A 178 8.06 18.74 -7.26
CA PHE A 178 7.28 19.52 -6.30
C PHE A 178 6.89 20.87 -6.87
N ILE A 179 7.78 21.52 -7.61
CA ILE A 179 7.44 22.79 -8.24
C ILE A 179 6.32 22.57 -9.25
N PHE A 180 6.42 21.50 -10.05
CA PHE A 180 5.35 21.18 -10.99
C PHE A 180 4.01 20.99 -10.28
N ALA A 181 4.00 20.13 -9.26
CA ALA A 181 2.75 19.82 -8.55
C ALA A 181 2.21 21.05 -7.83
N TYR A 182 3.10 21.87 -7.25
CA TYR A 182 2.71 23.11 -6.59
C TYR A 182 2.01 24.05 -7.55
N SER A 183 2.57 24.26 -8.73
CA SER A 183 1.95 25.14 -9.71
C SER A 183 0.58 24.60 -10.13
N ILE A 184 0.49 23.29 -10.38
CA ILE A 184 -0.77 22.69 -10.80
C ILE A 184 -1.83 22.86 -9.71
N VAL A 185 -1.47 22.59 -8.47
CA VAL A 185 -2.42 22.67 -7.35
C VAL A 185 -2.87 24.11 -7.15
N MET A 186 -1.94 25.06 -7.21
CA MET A 186 -2.31 26.47 -7.06
C MET A 186 -3.29 26.91 -8.13
N SER A 187 -3.03 26.54 -9.39
CA SER A 187 -3.92 26.94 -10.48
C SER A 187 -5.30 26.32 -10.31
N ILE A 188 -5.35 25.02 -9.98
CA ILE A 188 -6.64 24.34 -9.86
C ILE A 188 -7.45 24.91 -8.70
N VAL A 189 -6.79 25.13 -7.55
CA VAL A 189 -7.49 25.64 -6.38
C VAL A 189 -8.00 27.06 -6.64
N ALA A 190 -7.19 27.90 -7.29
CA ALA A 190 -7.64 29.25 -7.61
C ALA A 190 -8.84 29.23 -8.53
N LYS A 191 -8.82 28.39 -9.57
CA LYS A 191 -9.94 28.31 -10.50
C LYS A 191 -11.21 27.83 -9.80
N GLN A 192 -11.08 26.78 -8.97
CA GLN A 192 -12.24 26.24 -8.29
C GLN A 192 -12.83 27.25 -7.30
N TYR A 193 -11.98 27.96 -6.57
CA TYR A 193 -12.50 28.95 -5.63
C TYR A 193 -13.12 30.13 -6.36
N SER A 194 -12.57 30.53 -7.52
CA SER A 194 -13.19 31.59 -8.30
C SER A 194 -14.59 31.19 -8.75
N ARG A 195 -14.73 29.95 -9.23
CA ARG A 195 -16.06 29.49 -9.65
C ARG A 195 -17.02 29.40 -8.46
N LEU A 196 -16.53 28.94 -7.31
CA LEU A 196 -17.38 28.88 -6.12
C LEU A 196 -17.82 30.26 -5.67
N ALA A 197 -16.91 31.24 -5.73
CA ALA A 197 -17.25 32.60 -5.35
C ALA A 197 -18.27 33.21 -6.31
N GLN A 198 -18.12 32.95 -7.61
CA GLN A 198 -19.08 33.49 -8.57
C GLN A 198 -20.40 32.72 -8.58
N LEU A 199 -20.45 31.53 -7.97
CA LEU A 199 -21.70 30.79 -7.85
C LEU A 199 -22.51 31.16 -6.62
N ALA A 200 -21.89 31.80 -5.63
CA ALA A 200 -22.54 32.08 -4.35
C ALA A 200 -22.85 33.57 -4.16
N GLN A 201 -23.16 34.27 -5.25
CA GLN A 201 -23.54 35.67 -5.14
C GLN A 201 -24.95 35.81 -4.60
N ASP A 202 -25.11 36.64 -3.57
CA ASP A 202 -26.41 36.90 -2.94
C ASP A 202 -27.08 35.61 -2.47
N THR A 203 -26.31 34.78 -1.80
CA THR A 203 -26.80 33.51 -1.28
C THR A 203 -26.80 33.45 0.24
N GLY A 204 -25.88 34.12 0.92
CA GLY A 204 -25.79 34.05 2.36
C GLY A 204 -24.65 33.20 2.89
N ALA A 205 -23.90 32.53 2.01
CA ALA A 205 -22.76 31.74 2.41
C ALA A 205 -21.47 32.57 2.45
N GLU A 206 -21.58 33.89 2.58
CA GLU A 206 -20.40 34.74 2.59
C GLU A 206 -19.53 34.48 3.82
N HIS A 207 -20.17 34.27 4.98
CA HIS A 207 -19.40 34.00 6.20
C HIS A 207 -18.74 32.62 6.13
N SER A 208 -19.44 31.62 5.59
CA SER A 208 -18.90 30.27 5.52
C SER A 208 -17.81 30.12 4.47
N LEU A 209 -17.69 31.06 3.54
CA LEU A 209 -16.64 30.99 2.53
C LEU A 209 -15.28 31.43 3.05
N HIS A 210 -15.25 32.32 4.04
CA HIS A 210 -13.97 32.83 4.55
C HIS A 210 -13.15 31.73 5.19
N VAL A 211 -13.80 30.87 5.97
CA VAL A 211 -13.08 29.79 6.66
C VAL A 211 -12.49 28.82 5.64
N LEU A 212 -13.28 28.44 4.64
CA LEU A 212 -12.82 27.52 3.62
C LEU A 212 -11.66 28.12 2.82
N LYS A 213 -11.79 29.39 2.44
CA LYS A 213 -10.73 30.06 1.69
C LYS A 213 -9.44 30.13 2.50
N PHE A 214 -9.54 30.56 3.75
CA PHE A 214 -8.36 30.65 4.60
C PHE A 214 -7.70 29.29 4.74
N ALA A 215 -8.49 28.25 5.02
CA ALA A 215 -7.93 26.92 5.21
C ALA A 215 -7.21 26.44 3.96
N VAL A 216 -7.89 26.46 2.81
CA VAL A 216 -7.30 25.87 1.61
C VAL A 216 -6.07 26.65 1.18
N PHE A 217 -6.16 27.99 1.13
CA PHE A 217 -5.01 28.77 0.66
C PHE A 217 -3.84 28.67 1.63
N THR A 218 -4.08 28.84 2.93
CA THR A 218 -2.98 28.83 3.89
C THR A 218 -2.30 27.48 3.95
N PHE A 219 -3.09 26.40 4.08
CA PHE A 219 -2.49 25.09 4.27
C PHE A 219 -2.08 24.43 2.95
N SER A 220 -2.38 25.05 1.80
CA SER A 220 -1.72 24.63 0.57
C SER A 220 -0.47 25.43 0.29
N MET A 221 -0.41 26.67 0.75
CA MET A 221 0.80 27.48 0.57
C MET A 221 1.90 27.08 1.55
N LEU A 222 1.54 26.62 2.75
CA LEU A 222 2.54 26.30 3.76
C LEU A 222 3.24 24.96 3.53
N TRP A 223 3.09 24.34 2.36
CA TRP A 223 3.77 23.08 2.08
C TRP A 223 5.20 23.29 1.60
N ILE A 224 5.62 24.54 1.39
CA ILE A 224 6.98 24.83 0.94
C ILE A 224 7.97 24.91 2.09
N LEU A 225 7.49 24.80 3.33
CA LEU A 225 8.38 24.87 4.49
C LEU A 225 9.34 23.68 4.55
N PHE A 226 8.85 22.49 4.18
CA PHE A 226 9.69 21.29 4.26
C PHE A 226 10.93 21.36 3.36
N PRO A 227 10.84 21.75 2.08
CA PRO A 227 12.08 21.94 1.31
C PRO A 227 13.00 23.00 1.89
N LEU A 228 12.45 24.07 2.46
CA LEU A 228 13.30 25.09 3.09
C LEU A 228 13.98 24.54 4.33
N VAL A 229 13.28 23.73 5.12
CA VAL A 229 13.90 23.09 6.28
C VAL A 229 15.02 22.16 5.83
N TRP A 230 14.79 21.42 4.74
CA TRP A 230 15.84 20.57 4.19
C TRP A 230 17.05 21.41 3.75
N ALA A 231 16.79 22.57 3.16
CA ALA A 231 17.87 23.43 2.70
C ALA A 231 18.70 23.98 3.85
N ILE A 232 18.04 24.40 4.94
CA ILE A 232 18.76 25.04 6.04
C ILE A 232 19.31 24.07 7.07
N CYS A 233 18.89 22.81 7.05
CA CYS A 233 19.38 21.80 7.98
C CYS A 233 20.76 21.34 7.51
N PRO A 234 21.45 20.49 8.28
CA PRO A 234 22.79 20.04 7.84
C PRO A 234 22.82 19.30 6.51
N ARG A 235 21.67 18.81 6.02
CA ARG A 235 21.63 18.24 4.68
C ARG A 235 21.98 19.28 3.62
N GLY A 236 21.67 20.55 3.87
CA GLY A 236 21.99 21.61 2.95
C GLY A 236 23.10 22.52 3.43
N PHE A 237 22.77 23.79 3.67
CA PHE A 237 23.79 24.74 4.13
C PHE A 237 24.24 24.44 5.55
N GLY A 238 23.33 23.96 6.40
CA GLY A 238 23.70 23.67 7.76
C GLY A 238 23.62 24.86 8.70
N TRP A 239 22.72 25.80 8.45
CA TRP A 239 22.59 26.96 9.32
C TRP A 239 22.01 26.59 10.68
N ILE A 240 21.36 25.42 10.80
CA ILE A 240 20.87 24.91 12.06
C ILE A 240 21.41 23.50 12.23
N ASP A 241 21.40 23.03 13.48
CA ASP A 241 21.94 21.73 13.81
C ASP A 241 20.84 20.67 13.79
N ASP A 242 21.21 19.43 14.13
CA ASP A 242 20.24 18.33 14.12
C ASP A 242 19.19 18.47 15.22
N ASN A 243 19.52 19.11 16.33
CA ASN A 243 18.58 19.25 17.43
C ASN A 243 17.48 20.26 17.15
N TRP A 244 17.77 21.32 16.40
CA TRP A 244 16.77 22.30 16.02
C TRP A 244 16.02 21.90 14.76
N THR A 245 16.48 20.88 14.04
CA THR A 245 15.72 20.37 12.90
C THR A 245 14.50 19.60 13.37
N GLU A 246 14.62 18.88 14.49
CA GLU A 246 13.48 18.18 15.06
C GLU A 246 12.39 19.16 15.49
N VAL A 247 12.78 20.28 16.09
CA VAL A 247 11.82 21.29 16.51
C VAL A 247 11.09 21.86 15.29
N ALA A 248 11.84 22.16 14.22
CA ALA A 248 11.23 22.69 13.02
C ALA A 248 10.26 21.69 12.40
N HIS A 249 10.65 20.41 12.37
CA HIS A 249 9.76 19.39 11.83
C HIS A 249 8.50 19.25 12.68
N CYS A 250 8.64 19.30 14.00
CA CYS A 250 7.48 19.20 14.88
C CYS A 250 6.52 20.37 14.66
N VAL A 251 7.07 21.59 14.55
CA VAL A 251 6.23 22.75 14.28
C VAL A 251 5.53 22.61 12.93
N CYS A 252 6.26 22.13 11.92
CA CYS A 252 5.68 21.95 10.60
C CYS A 252 4.53 20.95 10.62
N ASP A 253 4.71 19.81 11.32
CA ASP A 253 3.63 18.84 11.41
C ASP A 253 2.43 19.40 12.17
N ILE A 254 2.68 20.12 13.26
CA ILE A 254 1.59 20.71 14.03
C ILE A 254 0.75 21.62 13.15
N VAL A 255 1.42 22.55 12.46
CA VAL A 255 0.71 23.52 11.62
C VAL A 255 0.01 22.81 10.46
N ALA A 256 0.67 21.86 9.83
CA ALA A 256 0.12 21.24 8.62
C ALA A 256 -1.03 20.30 8.93
N LYS A 257 -1.09 19.75 10.15
CA LYS A 257 -2.09 18.72 10.43
C LYS A 257 -3.13 19.18 11.46
N SER A 258 -2.71 19.62 12.65
CA SER A 258 -3.67 19.92 13.71
C SER A 258 -4.47 21.17 13.36
N CYS A 259 -3.79 22.23 12.91
CA CYS A 259 -4.49 23.45 12.55
C CYS A 259 -5.41 23.23 11.36
N TYR A 260 -4.97 22.43 10.38
CA TYR A 260 -5.80 22.15 9.22
C TYR A 260 -7.04 21.35 9.60
N GLY A 261 -6.89 20.35 10.48
CA GLY A 261 -8.05 19.60 10.93
C GLY A 261 -9.02 20.45 11.72
N PHE A 262 -8.49 21.32 12.59
CA PHE A 262 -9.36 22.22 13.35
C PHE A 262 -10.08 23.19 12.44
N ALA A 263 -9.40 23.67 11.39
CA ALA A 263 -10.04 24.57 10.43
C ALA A 263 -11.16 23.87 9.68
N LEU A 264 -10.94 22.62 9.27
CA LEU A 264 -12.02 21.87 8.61
C LEU A 264 -13.18 21.63 9.57
N ALA A 265 -12.89 21.32 10.82
CA ALA A 265 -13.96 21.12 11.80
C ALA A 265 -14.76 22.39 12.02
N ARG A 266 -14.08 23.55 12.04
CA ARG A 266 -14.77 24.82 12.17
C ARG A 266 -15.62 25.12 10.94
N PHE A 267 -15.10 24.79 9.75
CA PHE A 267 -15.88 25.03 8.53
C PHE A 267 -17.09 24.12 8.44
N ARG A 268 -16.97 22.88 8.91
CA ARG A 268 -18.04 21.91 8.71
C ARG A 268 -19.27 22.20 9.56
N LYS A 269 -19.09 22.91 10.68
CA LYS A 269 -20.20 23.19 11.56
C LYS A 269 -20.95 24.47 11.22
N THR A 270 -20.56 25.18 10.15
CA THR A 270 -21.23 26.41 9.76
C THR A 270 -21.83 26.37 8.37
N TYR A 271 -21.48 25.40 7.54
CA TYR A 271 -22.06 25.32 6.21
C TYR A 271 -23.31 24.45 6.21
N ASP A 272 -24.15 24.65 5.21
CA ASP A 272 -25.48 24.05 5.18
C ASP A 272 -25.80 23.67 3.74
N GLU A 273 -27.09 23.44 3.46
CA GLU A 273 -27.51 22.71 2.26
C GLU A 273 -27.12 23.43 0.98
N GLU A 274 -27.32 24.75 0.92
CA GLU A 274 -27.07 25.46 -0.34
C GLU A 274 -25.58 25.49 -0.69
N LEU A 275 -24.72 25.64 0.32
CA LEU A 275 -23.29 25.57 0.05
C LEU A 275 -22.89 24.18 -0.38
N PHE A 276 -23.53 23.15 0.18
CA PHE A 276 -23.24 21.78 -0.22
C PHE A 276 -23.65 21.53 -1.66
N ARG A 277 -24.82 22.04 -2.08
CA ARG A 277 -25.23 21.83 -3.46
C ARG A 277 -24.40 22.65 -4.43
N LEU A 278 -23.92 23.83 -4.01
CA LEU A 278 -22.97 24.56 -4.84
C LEU A 278 -21.67 23.78 -5.00
N LEU A 279 -21.19 23.16 -3.92
CA LEU A 279 -19.99 22.33 -4.00
C LEU A 279 -20.21 21.14 -4.92
N GLU A 280 -21.41 20.55 -4.87
CA GLU A 280 -21.73 19.46 -5.79
C GLU A 280 -21.74 19.95 -7.25
N GLN A 281 -22.27 21.15 -7.48
CA GLN A 281 -22.29 21.70 -8.84
C GLN A 281 -20.88 22.03 -9.32
N LEU A 282 -19.95 22.28 -8.39
CA LEU A 282 -18.59 22.64 -8.77
C LEU A 282 -17.91 21.52 -9.56
N GLY A 283 -18.05 20.27 -9.11
CA GLY A 283 -17.33 19.18 -9.73
C GLY A 283 -18.05 18.50 -10.88
N HIS A 284 -18.73 19.27 -11.71
CA HIS A 284 -19.47 18.72 -12.84
C HIS A 284 -19.20 19.42 -14.17
N ASP A 285 -18.74 20.66 -14.17
CA ASP A 285 -18.46 21.37 -15.42
C ASP A 285 -16.98 21.66 -15.55
N HIS B 3 25.32 -5.77 16.87
CA HIS B 3 26.05 -5.48 18.10
C HIS B 3 25.35 -4.40 18.92
N ALA B 4 25.47 -4.49 20.24
CA ALA B 4 24.93 -3.51 21.17
C ALA B 4 26.02 -3.07 22.13
N PRO B 5 26.00 -1.81 22.55
CA PRO B 5 27.05 -1.33 23.47
C PRO B 5 26.94 -1.99 24.84
N GLY B 6 28.11 -2.34 25.39
CA GLY B 6 28.17 -2.91 26.72
C GLY B 6 27.95 -4.40 26.80
N THR B 7 27.60 -5.07 25.69
CA THR B 7 27.39 -6.51 25.66
C THR B 7 28.18 -7.11 24.51
N ASP B 8 28.68 -8.32 24.74
CA ASP B 8 29.34 -9.08 23.68
C ASP B 8 28.37 -9.96 22.91
N GLN B 9 27.12 -10.07 23.36
CA GLN B 9 26.13 -10.90 22.68
C GLN B 9 25.63 -10.20 21.42
N MET B 10 25.26 -10.99 20.42
CA MET B 10 24.76 -10.49 19.15
C MET B 10 23.29 -10.83 18.99
N PHE B 11 22.53 -9.90 18.41
CA PHE B 11 21.09 -10.04 18.27
C PHE B 11 20.74 -10.18 16.80
N TYR B 12 19.99 -11.22 16.46
CA TYR B 12 19.71 -11.58 15.08
C TYR B 12 18.36 -11.08 14.58
N VAL B 13 17.63 -10.31 15.39
CA VAL B 13 16.33 -9.81 14.95
C VAL B 13 16.54 -8.69 13.93
N GLY B 14 15.83 -8.79 12.81
CA GLY B 14 15.92 -7.77 11.78
C GLY B 14 17.19 -7.77 10.97
N THR B 15 17.94 -8.87 10.97
CA THR B 15 19.19 -8.96 10.24
C THR B 15 19.15 -10.17 9.30
N MET B 16 19.99 -10.11 8.26
CA MET B 16 20.16 -11.25 7.37
C MET B 16 21.10 -12.30 7.95
N ASP B 17 21.80 -11.99 9.03
CA ASP B 17 22.64 -12.99 9.71
C ASP B 17 21.78 -14.10 10.29
N GLY B 18 20.63 -13.75 10.88
CA GLY B 18 19.73 -14.75 11.41
C GLY B 18 18.97 -15.52 10.35
N TRP B 19 18.90 -14.99 9.13
CA TRP B 19 18.26 -15.71 8.03
C TRP B 19 19.02 -16.98 7.67
N TYR B 20 20.34 -16.98 7.83
CA TYR B 20 21.17 -18.13 7.51
C TYR B 20 21.34 -19.09 8.68
N LEU B 21 20.80 -18.77 9.85
CA LEU B 21 20.89 -19.66 11.00
C LEU B 21 20.00 -20.87 10.82
N ASP B 22 20.32 -21.94 11.54
CA ASP B 22 19.51 -23.14 11.51
C ASP B 22 18.17 -22.90 12.19
N THR B 23 17.16 -23.67 11.79
CA THR B 23 15.82 -23.54 12.35
C THR B 23 15.80 -23.97 13.81
N LYS B 24 14.91 -23.35 14.57
CA LYS B 24 14.76 -23.63 15.99
C LYS B 24 13.46 -24.35 16.32
N LEU B 25 12.71 -24.77 15.30
CA LEU B 25 11.42 -25.42 15.49
C LEU B 25 11.58 -26.93 15.54
N ASN B 26 10.57 -27.60 16.10
CA ASN B 26 10.54 -29.05 16.19
C ASN B 26 9.48 -29.58 15.22
N SER B 27 9.22 -30.89 15.30
CA SER B 27 8.30 -31.53 14.37
C SER B 27 6.87 -31.03 14.56
N VAL B 28 6.52 -30.61 15.78
CA VAL B 28 5.15 -30.18 16.05
C VAL B 28 4.83 -28.90 15.27
N ALA B 29 5.74 -27.93 15.31
CA ALA B 29 5.51 -26.67 14.61
C ALA B 29 5.49 -26.87 13.10
N ILE B 30 6.37 -27.73 12.58
CA ILE B 30 6.37 -28.00 11.15
C ILE B 30 5.08 -28.69 10.71
N GLY B 31 4.61 -29.63 11.52
CA GLY B 31 3.32 -30.27 11.22
C GLY B 31 2.17 -29.29 11.25
N ALA B 32 2.18 -28.37 12.22
CA ALA B 32 1.15 -27.34 12.29
C ALA B 32 1.18 -26.45 11.05
N HIS B 33 2.38 -26.05 10.61
CA HIS B 33 2.50 -25.24 9.40
C HIS B 33 1.98 -25.99 8.18
N TRP B 34 2.32 -27.28 8.07
CA TRP B 34 1.84 -28.07 6.94
C TRP B 34 0.32 -28.18 6.94
N SER B 35 -0.27 -28.44 8.10
CA SER B 35 -1.72 -28.55 8.20
C SER B 35 -2.40 -27.24 7.83
N CYS B 36 -1.88 -26.12 8.34
CA CYS B 36 -2.45 -24.82 8.01
C CYS B 36 -2.34 -24.52 6.52
N PHE B 37 -1.19 -24.83 5.92
CA PHE B 37 -1.01 -24.59 4.49
C PHE B 37 -1.98 -25.42 3.66
N ILE B 38 -2.18 -26.69 4.03
CA ILE B 38 -3.10 -27.55 3.29
C ILE B 38 -4.53 -27.03 3.41
N VAL B 39 -4.93 -26.65 4.63
CA VAL B 39 -6.30 -26.15 4.84
C VAL B 39 -6.52 -24.86 4.05
N LEU B 40 -5.55 -23.95 4.08
CA LEU B 40 -5.68 -22.69 3.35
C LEU B 40 -5.73 -22.92 1.85
N THR B 41 -4.93 -23.86 1.34
CA THR B 41 -4.96 -24.16 -0.09
C THR B 41 -6.31 -24.73 -0.51
N ILE B 42 -6.85 -25.66 0.28
CA ILE B 42 -8.15 -26.24 -0.04
C ILE B 42 -9.23 -25.18 -0.03
N THR B 43 -9.22 -24.31 0.99
CA THR B 43 -10.22 -23.26 1.08
C THR B 43 -10.07 -22.27 -0.08
N THR B 44 -8.84 -21.95 -0.48
CA THR B 44 -8.62 -21.04 -1.59
C THR B 44 -9.18 -21.61 -2.88
N PHE B 45 -8.94 -22.90 -3.15
CA PHE B 45 -9.49 -23.51 -4.35
C PHE B 45 -11.01 -23.57 -4.30
N TYR B 46 -11.59 -23.86 -3.13
CA TYR B 46 -13.04 -23.91 -3.01
C TYR B 46 -13.65 -22.53 -3.27
N LEU B 47 -13.06 -21.48 -2.70
CA LEU B 47 -13.59 -20.14 -2.90
C LEU B 47 -13.39 -19.67 -4.33
N GLY B 48 -12.28 -20.07 -4.96
CA GLY B 48 -12.09 -19.74 -6.37
C GLY B 48 -13.11 -20.40 -7.27
N TYR B 49 -13.42 -21.67 -7.00
CA TYR B 49 -14.47 -22.35 -7.74
C TYR B 49 -15.83 -21.70 -7.50
N GLU B 50 -16.08 -21.24 -6.27
CA GLU B 50 -17.31 -20.51 -5.99
C GLU B 50 -17.37 -19.22 -6.80
N SER B 51 -16.26 -18.50 -6.88
CA SER B 51 -16.23 -17.22 -7.58
C SER B 51 -16.41 -17.42 -9.09
N TRP B 52 -15.83 -18.49 -9.65
CA TRP B 52 -16.00 -18.75 -11.07
C TRP B 52 -17.46 -19.05 -11.41
N THR B 53 -18.07 -19.99 -10.70
CA THR B 53 -19.46 -20.38 -10.93
C THR B 53 -20.40 -19.67 -9.98
N SER B 54 -20.40 -18.35 -10.01
CA SER B 54 -21.17 -17.53 -9.07
C SER B 54 -22.28 -16.83 -9.83
N ARG B 55 -23.45 -17.45 -9.85
CA ARG B 55 -24.67 -16.77 -10.25
C ARG B 55 -25.12 -15.88 -9.10
N GLY B 56 -25.72 -14.74 -9.42
CA GLY B 56 -26.12 -13.79 -8.41
C GLY B 56 -27.27 -14.27 -7.56
N PRO B 57 -27.77 -13.40 -6.67
CA PRO B 57 -28.96 -13.77 -5.89
C PRO B 57 -30.17 -14.09 -6.75
N SER B 58 -30.31 -13.43 -7.90
CA SER B 58 -31.37 -13.75 -8.85
C SER B 58 -31.05 -14.98 -9.69
N LYS B 59 -29.83 -15.49 -9.63
CA LYS B 59 -29.37 -16.64 -10.42
C LYS B 59 -29.54 -16.38 -11.92
N ARG B 60 -29.29 -15.14 -12.31
CA ARG B 60 -29.36 -14.75 -13.72
C ARG B 60 -28.04 -14.21 -14.25
N THR B 61 -27.34 -13.39 -13.48
CA THR B 61 -26.04 -12.88 -13.91
C THR B 61 -25.01 -14.00 -13.93
N SER B 62 -24.21 -14.04 -14.99
CA SER B 62 -23.25 -15.13 -15.17
C SER B 62 -21.99 -14.92 -14.34
N PHE B 63 -21.23 -13.87 -14.63
CA PHE B 63 -20.03 -13.55 -13.88
C PHE B 63 -20.34 -12.46 -12.85
N TYR B 64 -21.19 -12.83 -11.89
CA TYR B 64 -21.60 -11.89 -10.85
C TYR B 64 -20.41 -11.46 -9.99
N ALA B 65 -19.56 -12.42 -9.61
CA ALA B 65 -18.39 -12.08 -8.80
C ALA B 65 -17.33 -11.33 -9.60
N GLY B 66 -17.38 -11.41 -10.93
CA GLY B 66 -16.42 -10.67 -11.75
C GLY B 66 -16.69 -9.19 -11.81
N TYR B 67 -17.93 -8.76 -11.60
CA TYR B 67 -18.31 -7.35 -11.60
C TYR B 67 -18.50 -6.79 -10.20
N GLN B 68 -19.12 -7.55 -9.31
CA GLN B 68 -19.18 -7.22 -7.88
C GLN B 68 -18.05 -7.99 -7.20
N GLU B 69 -16.86 -7.40 -7.22
CA GLU B 69 -15.65 -8.09 -6.80
C GLU B 69 -15.45 -8.08 -5.29
N GLU B 70 -16.25 -7.32 -4.53
CA GLU B 70 -16.17 -7.41 -3.07
C GLU B 70 -16.51 -8.81 -2.59
N GLN B 71 -17.32 -9.54 -3.34
CA GLN B 71 -17.62 -10.93 -3.00
C GLN B 71 -16.36 -11.79 -3.03
N ASN B 72 -15.36 -11.41 -3.82
CA ASN B 72 -14.11 -12.13 -3.86
C ASN B 72 -13.16 -11.76 -2.72
N LEU B 73 -13.52 -10.74 -1.93
CA LEU B 73 -12.58 -10.17 -0.97
C LEU B 73 -12.06 -11.22 0.01
N ALA B 74 -12.97 -12.00 0.59
CA ALA B 74 -12.57 -13.06 1.51
C ALA B 74 -11.61 -14.03 0.84
N LEU B 75 -11.90 -14.40 -0.41
CA LEU B 75 -11.01 -15.27 -1.16
C LEU B 75 -9.60 -14.70 -1.18
N PHE B 76 -9.48 -13.41 -1.47
CA PHE B 76 -8.17 -12.75 -1.50
C PHE B 76 -7.41 -13.02 -0.22
N VAL B 77 -8.10 -12.83 0.92
CA VAL B 77 -7.48 -13.04 2.23
C VAL B 77 -6.83 -14.41 2.28
N ASN B 78 -7.63 -15.45 1.99
CA ASN B 78 -7.13 -16.81 2.11
C ASN B 78 -5.95 -17.02 1.16
N PHE B 79 -6.07 -16.49 -0.06
CA PHE B 79 -4.98 -16.63 -1.03
C PHE B 79 -3.69 -16.09 -0.45
N PHE B 80 -3.74 -14.86 0.08
CA PHE B 80 -2.52 -14.28 0.63
C PHE B 80 -2.06 -15.05 1.85
N ALA B 81 -3.01 -15.54 2.65
CA ALA B 81 -2.65 -16.36 3.80
C ALA B 81 -1.88 -17.58 3.35
N MET B 82 -2.34 -18.21 2.25
CA MET B 82 -1.64 -19.36 1.71
C MET B 82 -0.21 -19.00 1.36
N LEU B 83 -0.02 -17.84 0.71
CA LEU B 83 1.33 -17.41 0.38
C LEU B 83 2.18 -17.29 1.63
N SER B 84 1.60 -16.69 2.69
CA SER B 84 2.37 -16.47 3.91
C SER B 84 2.77 -17.77 4.56
N TYR B 85 2.09 -18.86 4.24
CA TYR B 85 2.50 -20.14 4.81
C TYR B 85 3.41 -20.92 3.89
N PHE B 86 3.34 -20.68 2.58
CA PHE B 86 4.17 -21.42 1.64
C PHE B 86 5.65 -21.21 1.97
N GLY B 87 6.04 -19.96 2.16
CA GLY B 87 7.42 -19.67 2.54
C GLY B 87 7.82 -20.37 3.81
N LYS B 88 6.93 -20.42 4.80
CA LYS B 88 7.22 -21.13 6.03
C LYS B 88 7.55 -22.59 5.73
N ILE B 89 6.72 -23.22 4.89
CA ILE B 89 6.96 -24.59 4.47
C ILE B 89 8.34 -24.70 3.83
N VAL B 90 8.67 -23.75 2.95
CA VAL B 90 9.96 -23.76 2.28
C VAL B 90 11.07 -23.71 3.31
N ALA B 91 10.94 -22.83 4.30
CA ALA B 91 11.94 -22.74 5.35
C ALA B 91 12.03 -24.06 6.11
N ASP B 92 10.88 -24.64 6.42
CA ASP B 92 10.86 -25.92 7.12
C ASP B 92 11.51 -27.02 6.29
N THR B 93 11.42 -26.91 4.96
CA THR B 93 12.08 -27.90 4.12
C THR B 93 13.57 -27.62 4.01
N LEU B 94 13.96 -26.35 4.10
CA LEU B 94 15.38 -26.01 3.96
C LEU B 94 16.10 -26.07 5.30
N GLY B 95 15.39 -25.87 6.40
CA GLY B 95 16.00 -25.97 7.71
C GLY B 95 16.67 -24.71 8.20
N HIS B 96 16.33 -23.55 7.65
CA HIS B 96 16.92 -22.29 8.07
C HIS B 96 15.93 -21.50 8.90
N ASN B 97 16.46 -20.57 9.69
CA ASN B 97 15.65 -19.77 10.58
C ASN B 97 14.75 -18.81 9.81
N PHE B 98 13.51 -18.65 10.29
CA PHE B 98 12.51 -17.88 9.58
C PHE B 98 11.75 -16.90 10.49
N GLY B 99 12.00 -16.93 11.79
CA GLY B 99 11.25 -16.09 12.71
C GLY B 99 11.90 -14.75 13.01
N ASP B 100 11.25 -13.67 12.57
CA ASP B 100 11.69 -12.30 12.82
C ASP B 100 13.10 -12.05 12.30
N VAL B 101 13.43 -12.65 11.16
CA VAL B 101 14.74 -12.48 10.53
C VAL B 101 14.53 -12.24 9.04
N GLY B 102 15.54 -11.65 8.41
CA GLY B 102 15.51 -11.39 6.99
C GLY B 102 14.87 -10.05 6.67
N PRO B 103 14.47 -9.89 5.40
CA PRO B 103 13.86 -8.62 4.98
C PRO B 103 12.46 -8.45 5.55
N PHE B 104 12.05 -7.19 5.71
CA PHE B 104 10.71 -6.85 6.18
C PHE B 104 9.85 -6.50 4.98
N ILE B 105 8.90 -7.38 4.65
CA ILE B 105 7.97 -7.17 3.55
C ILE B 105 6.56 -7.27 4.11
N ILE B 106 5.72 -6.27 3.80
CA ILE B 106 4.32 -6.31 4.22
C ILE B 106 3.57 -7.32 3.36
N GLY B 107 2.90 -8.26 4.02
CA GLY B 107 2.21 -9.34 3.35
C GLY B 107 2.94 -10.67 3.37
N PHE B 108 4.17 -10.70 3.88
CA PHE B 108 4.94 -11.92 4.01
C PHE B 108 5.08 -12.29 5.48
N GLY B 109 5.09 -13.58 5.77
CA GLY B 109 4.98 -14.05 7.14
C GLY B 109 6.29 -14.32 7.85
N ASN B 110 7.41 -13.79 7.33
CA ASN B 110 8.68 -13.96 8.02
C ASN B 110 8.73 -13.18 9.32
N TYR B 111 7.83 -12.20 9.50
CA TYR B 111 7.64 -11.53 10.78
C TYR B 111 6.23 -11.86 11.28
N ARG B 112 6.06 -11.76 12.60
CA ARG B 112 4.90 -12.37 13.25
C ARG B 112 3.58 -11.77 12.78
N TYR B 113 3.51 -10.44 12.68
CA TYR B 113 2.26 -9.78 12.33
C TYR B 113 2.37 -8.97 11.05
N ALA B 114 3.43 -9.18 10.26
CA ALA B 114 3.57 -8.47 8.99
C ALA B 114 2.65 -9.03 7.92
N ASP B 115 2.38 -10.34 7.95
CA ASP B 115 1.45 -10.91 6.99
C ASP B 115 0.01 -10.49 7.26
N TYR B 116 -0.35 -10.31 8.52
CA TYR B 116 -1.71 -9.91 8.87
C TYR B 116 -2.04 -8.50 8.40
N MET B 117 -1.02 -7.67 8.13
CA MET B 117 -1.27 -6.28 7.74
C MET B 117 -2.06 -6.21 6.44
N LEU B 118 -1.77 -7.10 5.50
CA LEU B 118 -2.47 -7.07 4.22
C LEU B 118 -3.88 -7.64 4.32
N THR B 119 -4.08 -8.69 5.12
CA THR B 119 -5.31 -9.46 5.07
C THR B 119 -6.33 -9.07 6.12
N CYS B 120 -5.91 -8.61 7.30
CA CYS B 120 -6.87 -8.30 8.36
C CYS B 120 -7.79 -7.14 8.03
N PRO B 121 -7.34 -6.01 7.48
CA PRO B 121 -8.31 -4.97 7.07
C PRO B 121 -9.32 -5.47 6.05
N MET B 122 -8.90 -6.33 5.12
CA MET B 122 -9.86 -6.92 4.19
C MET B 122 -10.86 -7.80 4.92
N LEU B 123 -10.41 -8.55 5.93
CA LEU B 123 -11.33 -9.35 6.73
C LEU B 123 -12.36 -8.47 7.43
N VAL B 124 -11.91 -7.37 8.03
CA VAL B 124 -12.82 -6.50 8.77
C VAL B 124 -13.83 -5.85 7.83
N TYR B 125 -13.36 -5.35 6.68
CA TYR B 125 -14.27 -4.71 5.73
C TYR B 125 -15.26 -5.74 5.18
N ASP B 126 -14.78 -6.94 4.86
CA ASP B 126 -15.66 -7.98 4.34
C ASP B 126 -16.72 -8.36 5.36
N LEU B 127 -16.36 -8.41 6.64
CA LEU B 127 -17.34 -8.74 7.67
C LEU B 127 -18.34 -7.61 7.86
N LEU B 128 -17.89 -6.36 7.80
CA LEU B 128 -18.81 -5.25 8.02
C LEU B 128 -19.72 -5.00 6.84
N TYR B 129 -19.31 -5.42 5.64
CA TYR B 129 -20.12 -5.22 4.44
C TYR B 129 -21.37 -6.09 4.47
N GLN B 130 -21.25 -7.33 5.00
CA GLN B 130 -22.37 -8.26 4.97
C GLN B 130 -23.59 -7.74 5.73
N LEU B 131 -23.40 -6.78 6.63
CA LEU B 131 -24.52 -6.11 7.28
C LEU B 131 -24.72 -4.68 6.78
N ARG B 132 -23.95 -4.26 5.76
CA ARG B 132 -23.99 -2.88 5.25
C ARG B 132 -23.73 -1.87 6.36
N ALA B 133 -22.81 -2.21 7.23
CA ALA B 133 -22.50 -1.43 8.42
C ALA B 133 -21.72 -0.16 8.05
N PRO B 134 -21.87 0.90 8.84
CA PRO B 134 -21.02 2.08 8.65
C PRO B 134 -19.66 1.89 9.30
N TYR B 135 -18.77 2.85 9.04
CA TYR B 135 -17.41 2.88 9.58
C TYR B 135 -16.64 1.61 9.22
N ARG B 136 -16.47 1.39 7.91
CA ARG B 136 -15.78 0.21 7.43
C ARG B 136 -14.29 0.46 7.18
N VAL B 137 -13.96 1.54 6.47
CA VAL B 137 -12.57 1.87 6.23
C VAL B 137 -11.88 2.30 7.52
N SER B 138 -12.62 2.97 8.42
CA SER B 138 -12.03 3.39 9.70
C SER B 138 -11.58 2.20 10.53
N CYS B 139 -12.42 1.16 10.61
CA CYS B 139 -12.05 -0.04 11.35
C CYS B 139 -10.86 -0.75 10.70
N SER B 140 -10.82 -0.77 9.38
CA SER B 140 -9.68 -1.37 8.68
C SER B 140 -8.39 -0.62 8.98
N ALA B 141 -8.45 0.71 8.99
CA ALA B 141 -7.26 1.51 9.28
C ALA B 141 -6.80 1.31 10.73
N ILE B 142 -7.74 1.26 11.67
CA ILE B 142 -7.33 1.09 13.07
C ILE B 142 -6.78 -0.31 13.30
N ILE B 143 -7.30 -1.32 12.57
CA ILE B 143 -6.73 -2.66 12.65
C ILE B 143 -5.32 -2.69 12.08
N PHE B 144 -5.09 -1.96 10.98
CA PHE B 144 -3.75 -1.84 10.42
C PHE B 144 -2.79 -1.21 11.43
N ALA B 145 -3.25 -0.17 12.12
CA ALA B 145 -2.42 0.46 13.15
C ALA B 145 -2.12 -0.49 14.30
N ILE B 146 -3.12 -1.29 14.71
CA ILE B 146 -2.91 -2.26 15.78
C ILE B 146 -1.87 -3.29 15.38
N LEU B 147 -1.93 -3.77 14.14
CA LEU B 147 -0.95 -4.74 13.67
C LEU B 147 0.44 -4.14 13.59
N MET B 148 0.54 -2.87 13.18
CA MET B 148 1.84 -2.20 13.19
C MET B 148 2.40 -2.09 14.60
N SER B 149 1.54 -1.79 15.57
CA SER B 149 1.98 -1.76 16.97
C SER B 149 2.47 -3.13 17.42
N GLY B 150 1.78 -4.19 17.01
CA GLY B 150 2.23 -5.53 17.34
C GLY B 150 3.58 -5.86 16.73
N VAL B 151 3.81 -5.41 15.49
CA VAL B 151 5.10 -5.63 14.85
C VAL B 151 6.22 -4.91 15.59
N LEU B 152 5.97 -3.66 16.00
CA LEU B 152 6.98 -2.93 16.78
C LEU B 152 7.24 -3.60 18.13
N ALA B 153 6.19 -4.12 18.77
CA ALA B 153 6.39 -4.86 20.01
C ALA B 153 7.23 -6.10 19.80
N GLU B 154 7.01 -6.79 18.67
CA GLU B 154 7.83 -7.95 18.33
C GLU B 154 9.28 -7.57 18.12
N PHE B 155 9.53 -6.42 17.50
CA PHE B 155 10.90 -5.92 17.34
C PHE B 155 11.54 -5.63 18.69
N TYR B 156 10.80 -5.00 19.59
CA TYR B 156 11.38 -4.63 20.88
C TYR B 156 11.60 -5.83 21.78
N ALA B 157 10.78 -6.87 21.66
CA ALA B 157 10.87 -8.00 22.58
C ALA B 157 12.07 -8.89 22.28
N GLU B 158 12.49 -8.95 21.01
CA GLU B 158 13.51 -9.89 20.58
C GLU B 158 14.91 -9.30 20.55
N GLY B 159 15.08 -8.05 20.95
CA GLY B 159 16.35 -7.36 20.84
C GLY B 159 17.11 -7.26 22.13
N ASP B 160 17.74 -6.10 22.34
CA ASP B 160 18.52 -5.85 23.54
C ASP B 160 17.61 -5.85 24.76
N PRO B 161 17.98 -6.58 25.83
CA PRO B 161 17.14 -6.56 27.05
C PRO B 161 17.01 -5.19 27.69
N ARG B 162 17.92 -4.26 27.39
CA ARG B 162 17.80 -2.90 27.90
C ARG B 162 16.55 -2.20 27.36
N LEU B 163 16.04 -2.62 26.19
CA LEU B 163 14.87 -2.00 25.57
C LEU B 163 13.65 -2.91 25.61
N ARG B 164 13.53 -3.75 26.65
CA ARG B 164 12.43 -4.70 26.71
C ARG B 164 11.10 -4.01 26.98
N ASN B 165 11.13 -2.89 27.70
CA ASN B 165 9.90 -2.23 28.12
C ASN B 165 9.17 -1.56 26.96
N GLY B 166 9.82 -1.37 25.81
CA GLY B 166 9.12 -0.84 24.65
C GLY B 166 8.06 -1.78 24.11
N ALA B 167 8.28 -3.08 24.23
CA ALA B 167 7.29 -4.06 23.80
C ALA B 167 6.01 -3.94 24.61
N TYR B 168 6.15 -3.73 25.93
CA TYR B 168 4.97 -3.55 26.77
C TYR B 168 4.21 -2.28 26.41
N ALA B 169 4.94 -1.20 26.12
CA ALA B 169 4.29 0.05 25.73
C ALA B 169 3.52 -0.11 24.42
N TRP B 170 4.13 -0.76 23.43
CA TRP B 170 3.45 -0.96 22.15
C TRP B 170 2.27 -1.90 22.30
N TYR B 171 2.39 -2.93 23.15
CA TYR B 171 1.28 -3.82 23.42
C TYR B 171 0.13 -3.08 24.09
N GLY B 172 0.43 -2.19 25.03
CA GLY B 172 -0.62 -1.41 25.66
C GLY B 172 -1.31 -0.47 24.70
N PHE B 173 -0.54 0.18 23.82
CA PHE B 173 -1.12 1.01 22.76
C PHE B 173 -2.08 0.21 21.89
N GLY B 174 -1.61 -0.93 21.40
CA GLY B 174 -2.45 -1.78 20.55
C GLY B 174 -3.67 -2.29 21.27
N CYS B 175 -3.54 -2.65 22.55
CA CYS B 175 -4.68 -3.17 23.31
C CYS B 175 -5.71 -2.09 23.58
N PHE B 176 -5.26 -0.86 23.87
CA PHE B 176 -6.19 0.25 24.06
C PHE B 176 -7.01 0.49 22.79
N TRP B 177 -6.33 0.60 21.65
CA TRP B 177 -7.08 0.85 20.42
C TRP B 177 -7.89 -0.36 20.00
N PHE B 178 -7.46 -1.57 20.34
CA PHE B 178 -8.24 -2.76 20.03
C PHE B 178 -9.50 -2.82 20.86
N ILE B 179 -9.45 -2.44 22.14
CA ILE B 179 -10.65 -2.40 22.96
C ILE B 179 -11.64 -1.38 22.40
N PHE B 180 -11.14 -0.21 21.99
CA PHE B 180 -11.99 0.79 21.38
C PHE B 180 -12.68 0.25 20.12
N ALA B 181 -11.88 -0.31 19.20
CA ALA B 181 -12.42 -0.82 17.94
C ALA B 181 -13.37 -1.99 18.17
N TYR B 182 -13.05 -2.86 19.12
CA TYR B 182 -13.90 -3.98 19.48
C TYR B 182 -15.27 -3.52 19.95
N SER B 183 -15.30 -2.54 20.85
CA SER B 183 -16.57 -2.03 21.33
C SER B 183 -17.38 -1.40 20.19
N ILE B 184 -16.71 -0.62 19.33
CA ILE B 184 -17.41 0.03 18.22
C ILE B 184 -18.01 -1.02 17.28
N VAL B 185 -17.21 -2.04 16.94
CA VAL B 185 -17.66 -3.06 16.00
C VAL B 185 -18.81 -3.87 16.59
N MET B 186 -18.72 -4.22 17.87
CA MET B 186 -19.81 -4.96 18.52
C MET B 186 -21.10 -4.17 18.50
N SER B 187 -21.03 -2.87 18.85
CA SER B 187 -22.24 -2.04 18.86
C SER B 187 -22.84 -1.94 17.47
N ILE B 188 -22.01 -1.67 16.46
CA ILE B 188 -22.51 -1.48 15.10
C ILE B 188 -23.14 -2.76 14.56
N VAL B 189 -22.46 -3.89 14.78
CA VAL B 189 -22.96 -5.17 14.28
C VAL B 189 -24.28 -5.54 14.97
N ALA B 190 -24.36 -5.31 16.28
CA ALA B 190 -25.60 -5.60 17.00
C ALA B 190 -26.75 -4.74 16.47
N LYS B 191 -26.51 -3.45 16.27
CA LYS B 191 -27.56 -2.57 15.76
C LYS B 191 -28.01 -2.98 14.36
N GLN B 192 -27.05 -3.28 13.48
CA GLN B 192 -27.39 -3.66 12.11
C GLN B 192 -28.16 -4.97 12.08
N TYR B 193 -27.76 -5.95 12.90
CA TYR B 193 -28.48 -7.21 12.91
C TYR B 193 -29.87 -7.06 13.52
N SER B 194 -30.02 -6.18 14.52
CA SER B 194 -31.35 -5.93 15.07
C SER B 194 -32.28 -5.33 14.02
N ARG B 195 -31.76 -4.37 13.24
CA ARG B 195 -32.58 -3.79 12.18
C ARG B 195 -32.91 -4.81 11.10
N LEU B 196 -31.94 -5.66 10.74
CA LEU B 196 -32.21 -6.70 9.75
C LEU B 196 -33.24 -7.70 10.24
N ALA B 197 -33.19 -8.06 11.52
CA ALA B 197 -34.17 -8.99 12.08
C ALA B 197 -35.56 -8.38 12.11
N GLN B 198 -35.64 -7.08 12.46
CA GLN B 198 -36.96 -6.45 12.48
C GLN B 198 -37.47 -6.09 11.09
N LEU B 199 -36.62 -6.13 10.07
CA LEU B 199 -37.07 -5.91 8.70
C LEU B 199 -37.54 -7.18 8.01
N ALA B 200 -37.19 -8.36 8.53
CA ALA B 200 -37.49 -9.63 7.87
C ALA B 200 -38.58 -10.42 8.60
N GLN B 201 -39.54 -9.75 9.22
CA GLN B 201 -40.64 -10.44 9.87
C GLN B 201 -41.62 -10.96 8.83
N ASP B 202 -41.96 -12.25 8.95
CA ASP B 202 -42.91 -12.93 8.06
C ASP B 202 -42.50 -12.79 6.59
N THR B 203 -41.22 -13.05 6.33
CA THR B 203 -40.66 -12.97 4.99
C THR B 203 -40.20 -14.32 4.45
N GLY B 204 -39.74 -15.23 5.30
CA GLY B 204 -39.23 -16.50 4.86
C GLY B 204 -37.73 -16.63 4.87
N ALA B 205 -37.00 -15.56 5.21
CA ALA B 205 -35.55 -15.59 5.33
C ALA B 205 -35.09 -15.99 6.72
N GLU B 206 -35.94 -16.67 7.49
CA GLU B 206 -35.58 -17.06 8.85
C GLU B 206 -34.43 -18.06 8.84
N HIS B 207 -34.45 -19.02 7.92
CA HIS B 207 -33.37 -20.00 7.86
C HIS B 207 -32.07 -19.37 7.39
N SER B 208 -32.14 -18.45 6.44
CA SER B 208 -30.93 -17.81 5.91
C SER B 208 -30.32 -16.80 6.87
N LEU B 209 -31.06 -16.37 7.89
CA LEU B 209 -30.53 -15.43 8.87
C LEU B 209 -29.63 -16.11 9.91
N HIS B 210 -29.87 -17.38 10.21
CA HIS B 210 -29.10 -18.08 11.23
C HIS B 210 -27.63 -18.18 10.84
N VAL B 211 -27.37 -18.52 9.58
CA VAL B 211 -25.99 -18.69 9.12
C VAL B 211 -25.25 -17.36 9.18
N LEU B 212 -25.89 -16.28 8.72
CA LEU B 212 -25.26 -14.96 8.75
C LEU B 212 -24.99 -14.51 10.19
N LYS B 213 -25.97 -14.72 11.07
CA LYS B 213 -25.81 -14.33 12.47
C LYS B 213 -24.66 -15.09 13.11
N PHE B 214 -24.64 -16.41 12.94
CA PHE B 214 -23.58 -17.23 13.51
C PHE B 214 -22.22 -16.78 12.99
N ALA B 215 -22.10 -16.58 11.68
CA ALA B 215 -20.82 -16.20 11.10
C ALA B 215 -20.34 -14.86 11.66
N VAL B 216 -21.19 -13.83 11.60
CA VAL B 216 -20.72 -12.50 11.97
C VAL B 216 -20.41 -12.44 13.48
N PHE B 217 -21.29 -12.97 14.32
CA PHE B 217 -21.05 -12.90 15.76
C PHE B 217 -19.85 -13.74 16.18
N THR B 218 -19.77 -14.99 15.71
CA THR B 218 -18.68 -15.86 16.13
C THR B 218 -17.33 -15.34 15.64
N PHE B 219 -17.23 -14.99 14.36
CA PHE B 219 -15.93 -14.60 13.83
C PHE B 219 -15.60 -13.14 14.08
N SER B 220 -16.51 -12.36 14.66
CA SER B 220 -16.11 -11.07 15.21
C SER B 220 -15.74 -11.16 16.69
N MET B 221 -16.33 -12.12 17.41
CA MET B 221 -15.97 -12.31 18.81
C MET B 221 -14.64 -13.04 18.97
N LEU B 222 -14.29 -13.92 18.04
CA LEU B 222 -13.06 -14.71 18.16
C LEU B 222 -11.80 -13.93 17.80
N TRP B 223 -11.86 -12.61 17.67
CA TRP B 223 -10.67 -11.82 17.38
C TRP B 223 -9.87 -11.49 18.63
N ILE B 224 -10.37 -11.84 19.81
CA ILE B 224 -9.67 -11.56 21.07
C ILE B 224 -8.66 -12.65 21.40
N LEU B 225 -8.59 -13.73 20.60
CA LEU B 225 -7.65 -14.81 20.88
C LEU B 225 -6.21 -14.37 20.69
N PHE B 226 -5.94 -13.52 19.70
CA PHE B 226 -4.57 -13.09 19.43
C PHE B 226 -3.95 -12.31 20.59
N PRO B 227 -4.61 -11.31 21.21
CA PRO B 227 -4.01 -10.71 22.42
C PRO B 227 -3.81 -11.70 23.55
N LEU B 228 -4.72 -12.67 23.71
CA LEU B 228 -4.53 -13.68 24.76
C LEU B 228 -3.33 -14.57 24.46
N VAL B 229 -3.14 -14.94 23.18
CA VAL B 229 -1.97 -15.72 22.80
C VAL B 229 -0.69 -14.91 23.06
N TRP B 230 -0.72 -13.62 22.77
CA TRP B 230 0.42 -12.77 23.09
C TRP B 230 0.68 -12.74 24.59
N ALA B 231 -0.39 -12.69 25.40
CA ALA B 231 -0.23 -12.66 26.84
C ALA B 231 0.38 -13.94 27.38
N ILE B 232 -0.06 -15.10 26.88
CA ILE B 232 0.39 -16.38 27.43
C ILE B 232 1.68 -16.89 26.81
N CYS B 233 2.12 -16.34 25.70
CA CYS B 233 3.36 -16.76 25.05
C CYS B 233 4.54 -16.14 25.81
N PRO B 234 5.78 -16.48 25.46
CA PRO B 234 6.93 -15.91 26.19
C PRO B 234 7.02 -14.38 26.14
N ARG B 235 6.33 -13.72 25.22
CA ARG B 235 6.27 -12.26 25.24
C ARG B 235 5.61 -11.75 26.51
N GLY B 236 4.68 -12.52 27.06
CA GLY B 236 4.01 -12.14 28.29
C GLY B 236 4.42 -12.98 29.48
N PHE B 237 3.47 -13.74 30.04
CA PHE B 237 3.78 -14.56 31.21
C PHE B 237 4.69 -15.72 30.85
N GLY B 238 4.54 -16.27 29.65
CA GLY B 238 5.37 -17.39 29.25
C GLY B 238 4.86 -18.74 29.71
N TRP B 239 3.54 -18.91 29.81
CA TRP B 239 2.98 -20.19 30.21
C TRP B 239 3.16 -21.26 29.15
N ILE B 240 3.41 -20.87 27.90
CA ILE B 240 3.72 -21.78 26.82
C ILE B 240 5.03 -21.34 26.17
N ASP B 241 5.66 -22.27 25.45
CA ASP B 241 6.94 -22.00 24.83
C ASP B 241 6.76 -21.54 23.39
N ASP B 242 7.88 -21.31 22.70
CA ASP B 242 7.83 -20.83 21.33
C ASP B 242 7.26 -21.86 20.37
N ASN B 243 7.44 -23.15 20.65
CA ASN B 243 6.96 -24.21 19.76
C ASN B 243 5.44 -24.37 19.79
N TRP B 244 4.82 -24.15 20.94
CA TRP B 244 3.37 -24.21 21.04
C TRP B 244 2.70 -22.89 20.68
N THR B 245 3.46 -21.81 20.55
CA THR B 245 2.89 -20.56 20.06
C THR B 245 2.58 -20.64 18.58
N GLU B 246 3.42 -21.35 17.81
CA GLU B 246 3.15 -21.55 16.39
C GLU B 246 1.88 -22.35 16.18
N VAL B 247 1.66 -23.38 17.00
CA VAL B 247 0.43 -24.17 16.90
C VAL B 247 -0.79 -23.32 17.19
N ALA B 248 -0.72 -22.49 18.24
CA ALA B 248 -1.83 -21.61 18.57
C ALA B 248 -2.11 -20.62 17.46
N HIS B 249 -1.06 -20.05 16.86
CA HIS B 249 -1.25 -19.12 15.76
C HIS B 249 -1.86 -19.81 14.54
N CYS B 250 -1.42 -21.03 14.25
CA CYS B 250 -1.97 -21.78 13.12
C CYS B 250 -3.45 -22.07 13.34
N VAL B 251 -3.83 -22.49 14.55
CA VAL B 251 -5.23 -22.74 14.86
C VAL B 251 -6.04 -21.45 14.73
N CYS B 252 -5.48 -20.34 15.22
CA CYS B 252 -6.19 -19.06 15.14
C CYS B 252 -6.42 -18.65 13.69
N ASP B 253 -5.41 -18.79 12.83
CA ASP B 253 -5.58 -18.45 11.42
C ASP B 253 -6.60 -19.36 10.75
N ILE B 254 -6.55 -20.66 11.05
CA ILE B 254 -7.50 -21.60 10.46
C ILE B 254 -8.93 -21.19 10.80
N VAL B 255 -9.19 -20.97 12.10
CA VAL B 255 -10.53 -20.61 12.53
C VAL B 255 -10.96 -19.27 11.97
N ALA B 256 -10.05 -18.28 11.98
CA ALA B 256 -10.43 -16.94 11.59
C ALA B 256 -10.63 -16.79 10.09
N LYS B 257 -10.00 -17.65 9.27
CA LYS B 257 -10.05 -17.48 7.83
C LYS B 257 -10.80 -18.59 7.12
N SER B 258 -10.42 -19.86 7.31
CA SER B 258 -11.03 -20.93 6.52
C SER B 258 -12.48 -21.14 6.93
N CYS B 259 -12.74 -21.19 8.24
CA CYS B 259 -14.11 -21.37 8.72
C CYS B 259 -14.99 -20.20 8.34
N TYR B 260 -14.45 -18.98 8.41
CA TYR B 260 -15.22 -17.80 8.04
C TYR B 260 -15.56 -17.80 6.55
N GLY B 261 -14.59 -18.16 5.71
CA GLY B 261 -14.87 -18.24 4.27
C GLY B 261 -15.88 -19.31 3.94
N PHE B 262 -15.77 -20.47 4.59
CA PHE B 262 -16.75 -21.53 4.36
C PHE B 262 -18.14 -21.12 4.84
N ALA B 263 -18.21 -20.38 5.95
CA ALA B 263 -19.50 -19.89 6.44
C ALA B 263 -20.12 -18.90 5.45
N LEU B 264 -19.31 -18.00 4.89
CA LEU B 264 -19.84 -17.08 3.89
C LEU B 264 -20.29 -17.83 2.64
N ALA B 265 -19.54 -18.84 2.22
CA ALA B 265 -19.94 -19.62 1.06
C ALA B 265 -21.25 -20.36 1.31
N ARG B 266 -21.43 -20.88 2.53
CA ARG B 266 -22.68 -21.54 2.87
C ARG B 266 -23.85 -20.55 2.91
N PHE B 267 -23.60 -19.34 3.41
CA PHE B 267 -24.65 -18.33 3.45
C PHE B 267 -25.03 -17.84 2.07
N ARG B 268 -24.05 -17.73 1.15
CA ARG B 268 -24.31 -17.13 -0.14
C ARG B 268 -25.17 -18.01 -1.03
N LYS B 269 -25.15 -19.33 -0.81
CA LYS B 269 -25.91 -20.24 -1.66
C LYS B 269 -27.33 -20.47 -1.18
N THR B 270 -27.76 -19.81 -0.11
CA THR B 270 -29.12 -19.97 0.40
C THR B 270 -29.94 -18.70 0.41
N TYR B 271 -29.31 -17.53 0.27
CA TYR B 271 -30.07 -16.29 0.26
C TYR B 271 -30.48 -15.91 -1.16
N ASP B 272 -31.51 -15.09 -1.26
CA ASP B 272 -32.14 -14.79 -2.55
C ASP B 272 -32.54 -13.32 -2.56
N GLU B 273 -33.44 -12.96 -3.49
CA GLU B 273 -33.64 -11.56 -3.86
C GLU B 273 -34.16 -10.71 -2.70
N GLU B 274 -35.13 -11.21 -1.93
CA GLU B 274 -35.72 -10.38 -0.88
C GLU B 274 -34.72 -10.10 0.23
N LEU B 275 -33.89 -11.08 0.60
CA LEU B 275 -32.87 -10.82 1.59
C LEU B 275 -31.84 -9.83 1.06
N PHE B 276 -31.53 -9.91 -0.23
CA PHE B 276 -30.60 -8.96 -0.84
C PHE B 276 -31.15 -7.54 -0.81
N ARG B 277 -32.45 -7.38 -1.11
CA ARG B 277 -33.01 -6.03 -1.08
C ARG B 277 -33.17 -5.51 0.33
N LEU B 278 -33.41 -6.39 1.31
CA LEU B 278 -33.38 -5.96 2.70
C LEU B 278 -31.98 -5.50 3.11
N LEU B 279 -30.95 -6.23 2.67
CA LEU B 279 -29.58 -5.81 2.93
C LEU B 279 -29.28 -4.46 2.29
N GLU B 280 -29.79 -4.24 1.08
CA GLU B 280 -29.63 -2.94 0.43
C GLU B 280 -30.33 -1.83 1.21
N GLN B 281 -31.53 -2.13 1.74
CA GLN B 281 -32.25 -1.14 2.53
C GLN B 281 -31.54 -0.86 3.85
N LEU B 282 -30.74 -1.81 4.34
CA LEU B 282 -30.05 -1.63 5.61
C LEU B 282 -29.10 -0.43 5.58
N GLY B 283 -28.32 -0.31 4.51
CA GLY B 283 -27.29 0.70 4.45
C GLY B 283 -27.73 2.03 3.88
N HIS B 284 -28.94 2.47 4.22
CA HIS B 284 -29.47 3.73 3.72
C HIS B 284 -30.07 4.63 4.79
N ASP B 285 -30.48 4.10 5.93
CA ASP B 285 -31.05 4.92 6.99
C ASP B 285 -30.16 4.90 8.23
N HIS C 3 27.04 -12.98 7.75
CA HIS C 3 27.75 -14.22 8.03
C HIS C 3 26.79 -15.41 8.03
N ALA C 4 27.31 -16.58 7.63
CA ALA C 4 26.56 -17.82 7.63
C ALA C 4 27.37 -18.89 8.35
N PRO C 5 26.71 -19.80 9.05
CA PRO C 5 27.45 -20.84 9.78
C PRO C 5 28.16 -21.81 8.83
N GLY C 6 29.38 -22.17 9.20
CA GLY C 6 30.16 -23.13 8.44
C GLY C 6 30.92 -22.58 7.26
N THR C 7 30.75 -21.29 6.93
CA THR C 7 31.46 -20.65 5.83
C THR C 7 32.10 -19.37 6.33
N ASP C 8 33.27 -19.06 5.78
CA ASP C 8 33.94 -17.78 6.03
C ASP C 8 33.53 -16.70 5.05
N GLN C 9 32.79 -17.05 4.00
CA GLN C 9 32.38 -16.07 2.99
C GLN C 9 31.23 -15.23 3.53
N MET C 10 31.16 -13.99 3.06
CA MET C 10 30.13 -13.04 3.48
C MET C 10 29.20 -12.74 2.32
N PHE C 11 27.91 -12.61 2.61
CA PHE C 11 26.87 -12.40 1.61
C PHE C 11 26.29 -11.01 1.75
N TYR C 12 26.28 -10.26 0.66
CA TYR C 12 25.90 -8.86 0.67
C TYR C 12 24.46 -8.60 0.26
N VAL C 13 23.67 -9.66 0.03
CA VAL C 13 22.28 -9.46 -0.36
C VAL C 13 21.48 -9.01 0.85
N GLY C 14 20.70 -7.94 0.68
CA GLY C 14 19.85 -7.44 1.75
C GLY C 14 20.57 -6.71 2.86
N THR C 15 21.81 -6.26 2.62
CA THR C 15 22.59 -5.57 3.62
C THR C 15 23.03 -4.21 3.08
N MET C 16 23.33 -3.30 4.01
CA MET C 16 23.91 -2.01 3.65
C MET C 16 25.40 -2.09 3.39
N ASP C 17 26.04 -3.22 3.72
CA ASP C 17 27.45 -3.42 3.39
C ASP C 17 27.66 -3.47 1.89
N GLY C 18 26.74 -4.14 1.17
CA GLY C 18 26.82 -4.19 -0.28
C GLY C 18 26.45 -2.90 -0.96
N TRP C 19 25.73 -2.01 -0.26
CA TRP C 19 25.39 -0.71 -0.81
C TRP C 19 26.62 0.14 -1.06
N TYR C 20 27.65 -0.01 -0.22
CA TYR C 20 28.88 0.76 -0.34
C TYR C 20 29.92 0.11 -1.25
N LEU C 21 29.64 -1.08 -1.77
CA LEU C 21 30.57 -1.76 -2.66
C LEU C 21 30.59 -1.06 -4.03
N ASP C 22 31.68 -1.27 -4.76
CA ASP C 22 31.80 -0.74 -6.10
C ASP C 22 30.85 -1.44 -7.05
N THR C 23 30.46 -0.74 -8.10
CA THR C 23 29.53 -1.29 -9.09
C THR C 23 30.18 -2.44 -9.86
N LYS C 24 29.35 -3.38 -10.29
CA LYS C 24 29.81 -4.55 -11.03
C LYS C 24 29.37 -4.53 -12.48
N LEU C 25 28.78 -3.42 -12.94
CA LEU C 25 28.27 -3.31 -14.30
C LEU C 25 29.34 -2.72 -15.23
N ASN C 26 29.13 -2.93 -16.53
CA ASN C 26 30.01 -2.41 -17.55
C ASN C 26 29.29 -1.30 -18.30
N SER C 27 29.92 -0.80 -19.38
CA SER C 27 29.35 0.31 -20.13
C SER C 27 28.04 -0.06 -20.81
N VAL C 28 27.87 -1.33 -21.16
CA VAL C 28 26.66 -1.76 -21.86
C VAL C 28 25.43 -1.59 -20.98
N ALA C 29 25.53 -2.05 -19.73
CA ALA C 29 24.39 -1.94 -18.81
C ALA C 29 24.08 -0.49 -18.48
N ILE C 30 25.11 0.34 -18.30
CA ILE C 30 24.90 1.76 -18.02
C ILE C 30 24.23 2.45 -19.21
N GLY C 31 24.66 2.13 -20.42
CA GLY C 31 24.02 2.68 -21.60
C GLY C 31 22.58 2.24 -21.73
N ALA C 32 22.29 0.97 -21.41
CA ALA C 32 20.92 0.48 -21.43
C ALA C 32 20.06 1.23 -20.42
N HIS C 33 20.58 1.45 -19.21
CA HIS C 33 19.84 2.20 -18.20
C HIS C 33 19.58 3.62 -18.65
N TRP C 34 20.58 4.27 -19.26
CA TRP C 34 20.39 5.63 -19.75
C TRP C 34 19.33 5.70 -20.85
N SER C 35 19.37 4.75 -21.78
CA SER C 35 18.38 4.72 -22.86
C SER C 35 16.98 4.51 -22.32
N CYS C 36 16.83 3.57 -21.37
CA CYS C 36 15.52 3.32 -20.79
C CYS C 36 15.01 4.55 -20.03
N PHE C 37 15.89 5.22 -19.28
CA PHE C 37 15.48 6.41 -18.55
C PHE C 37 15.03 7.51 -19.49
N ILE C 38 15.76 7.72 -20.58
CA ILE C 38 15.40 8.76 -21.55
C ILE C 38 14.05 8.45 -22.19
N VAL C 39 13.84 7.18 -22.59
CA VAL C 39 12.60 6.79 -23.23
C VAL C 39 11.43 6.96 -22.27
N LEU C 40 11.60 6.54 -21.01
CA LEU C 40 10.53 6.67 -20.03
C LEU C 40 10.22 8.13 -19.73
N THR C 41 11.24 8.99 -19.67
CA THR C 41 11.01 10.41 -19.43
C THR C 41 10.23 11.04 -20.58
N ILE C 42 10.63 10.72 -21.82
CA ILE C 42 9.92 11.27 -22.98
C ILE C 42 8.47 10.82 -23.00
N THR C 43 8.24 9.52 -22.72
CA THR C 43 6.87 9.02 -22.71
C THR C 43 6.06 9.64 -21.58
N THR C 44 6.68 9.85 -20.42
CA THR C 44 5.98 10.48 -19.31
C THR C 44 5.55 11.89 -19.65
N PHE C 45 6.44 12.67 -20.27
CA PHE C 45 6.07 14.03 -20.66
C PHE C 45 4.98 14.02 -21.74
N TYR C 46 5.06 13.09 -22.69
CA TYR C 46 4.04 13.01 -23.73
C TYR C 46 2.67 12.67 -23.14
N LEU C 47 2.63 11.71 -22.22
CA LEU C 47 1.36 11.32 -21.60
C LEU C 47 0.83 12.42 -20.69
N GLY C 48 1.73 13.16 -20.01
CA GLY C 48 1.28 14.29 -19.22
C GLY C 48 0.68 15.40 -20.07
N TYR C 49 1.30 15.68 -21.22
CA TYR C 49 0.71 16.66 -22.14
C TYR C 49 -0.63 16.18 -22.68
N GLU C 50 -0.75 14.87 -22.92
CA GLU C 50 -2.03 14.31 -23.34
C GLU C 50 -3.09 14.50 -22.27
N SER C 51 -2.71 14.26 -21.01
CA SER C 51 -3.66 14.36 -19.90
C SER C 51 -4.10 15.80 -19.68
N TRP C 52 -3.17 16.76 -19.83
CA TRP C 52 -3.53 18.17 -19.68
C TRP C 52 -4.53 18.61 -20.74
N THR C 53 -4.21 18.37 -22.01
CA THR C 53 -5.07 18.76 -23.12
C THR C 53 -5.95 17.60 -23.59
N SER C 54 -6.75 17.06 -22.67
CA SER C 54 -7.56 15.88 -22.94
C SER C 54 -9.03 16.27 -22.98
N ARG C 55 -9.53 16.57 -24.17
CA ARG C 55 -10.96 16.65 -24.39
C ARG C 55 -11.52 15.24 -24.47
N GLY C 56 -12.75 15.05 -24.01
CA GLY C 56 -13.34 13.74 -23.94
C GLY C 56 -13.68 13.18 -25.32
N PRO C 57 -14.33 12.02 -25.36
CA PRO C 57 -14.77 11.47 -26.64
C PRO C 57 -15.72 12.39 -27.40
N SER C 58 -16.53 13.16 -26.67
CA SER C 58 -17.38 14.16 -27.29
C SER C 58 -16.65 15.44 -27.63
N LYS C 59 -15.40 15.59 -27.18
CA LYS C 59 -14.58 16.79 -27.39
C LYS C 59 -15.28 18.04 -26.86
N ARG C 60 -15.96 17.88 -25.73
CA ARG C 60 -16.63 18.98 -25.07
C ARG C 60 -16.12 19.23 -23.65
N THR C 61 -15.89 18.17 -22.87
CA THR C 61 -15.36 18.34 -21.53
C THR C 61 -13.92 18.81 -21.59
N SER C 62 -13.59 19.79 -20.74
CA SER C 62 -12.27 20.41 -20.78
C SER C 62 -11.23 19.55 -20.06
N PHE C 63 -11.39 19.38 -18.75
CA PHE C 63 -10.48 18.54 -17.97
C PHE C 63 -11.08 17.15 -17.77
N TYR C 64 -11.22 16.44 -18.90
CA TYR C 64 -11.80 15.10 -18.88
C TYR C 64 -10.96 14.14 -18.07
N ALA C 65 -9.63 14.18 -18.26
CA ALA C 65 -8.74 13.31 -17.51
C ALA C 65 -8.64 13.70 -16.05
N GLY C 66 -8.99 14.95 -15.70
CA GLY C 66 -8.96 15.36 -14.31
C GLY C 66 -10.08 14.80 -13.47
N TYR C 67 -11.20 14.43 -14.09
CA TYR C 67 -12.32 13.85 -13.38
C TYR C 67 -12.43 12.34 -13.58
N GLN C 68 -12.18 11.85 -14.79
CA GLN C 68 -12.03 10.43 -15.07
C GLN C 68 -10.53 10.13 -15.04
N GLU C 69 -10.02 9.88 -13.84
CA GLU C 69 -8.58 9.78 -13.64
C GLU C 69 -8.01 8.40 -13.97
N GLU C 70 -8.86 7.41 -14.25
CA GLU C 70 -8.34 6.12 -14.72
C GLU C 70 -7.60 6.27 -16.04
N GLN C 71 -7.98 7.28 -16.84
CA GLN C 71 -7.26 7.56 -18.08
C GLN C 71 -5.81 7.93 -17.80
N ASN C 72 -5.52 8.48 -16.63
CA ASN C 72 -4.15 8.82 -16.26
C ASN C 72 -3.36 7.62 -15.74
N LEU C 73 -4.03 6.48 -15.54
CA LEU C 73 -3.41 5.35 -14.84
C LEU C 73 -2.12 4.91 -15.51
N ALA C 74 -2.16 4.72 -16.83
CA ALA C 74 -0.96 4.33 -17.57
C ALA C 74 0.16 5.34 -17.37
N LEU C 75 -0.18 6.63 -17.42
CA LEU C 75 0.81 7.67 -17.16
C LEU C 75 1.51 7.44 -15.83
N PHE C 76 0.72 7.15 -14.79
CA PHE C 76 1.28 6.89 -13.46
C PHE C 76 2.37 5.83 -13.55
N VAL C 77 2.06 4.73 -14.24
CA VAL C 77 3.01 3.63 -14.39
C VAL C 77 4.34 4.16 -14.89
N ASN C 78 4.31 4.87 -16.02
CA ASN C 78 5.54 5.33 -16.64
C ASN C 78 6.28 6.27 -15.70
N PHE C 79 5.53 7.15 -15.02
CA PHE C 79 6.15 8.08 -14.09
C PHE C 79 6.95 7.31 -13.05
N PHE C 80 6.31 6.32 -12.42
CA PHE C 80 7.01 5.57 -11.39
C PHE C 80 8.16 4.78 -11.99
N ALA C 81 7.97 4.26 -13.22
CA ALA C 81 9.06 3.56 -13.88
C ALA C 81 10.26 4.49 -14.05
N MET C 82 9.99 5.74 -14.43
CA MET C 82 11.05 6.73 -14.57
C MET C 82 11.81 6.88 -13.25
N LEU C 83 11.07 6.97 -12.14
CA LEU C 83 11.71 7.08 -10.84
C LEU C 83 12.61 5.89 -10.59
N SER C 84 12.12 4.69 -10.91
CA SER C 84 12.88 3.48 -10.64
C SER C 84 14.17 3.44 -11.45
N TYR C 85 14.24 4.18 -12.55
CA TYR C 85 15.47 4.21 -13.32
C TYR C 85 16.37 5.36 -12.92
N PHE C 86 15.79 6.45 -12.40
CA PHE C 86 16.61 7.61 -12.04
C PHE C 86 17.68 7.22 -11.02
N GLY C 87 17.25 6.51 -9.97
CA GLY C 87 18.21 6.03 -8.99
C GLY C 87 19.29 5.18 -9.59
N LYS C 88 18.92 4.30 -10.54
CA LYS C 88 19.92 3.48 -11.21
C LYS C 88 20.97 4.38 -11.87
N ILE C 89 20.49 5.40 -12.58
CA ILE C 89 21.40 6.36 -13.21
C ILE C 89 22.31 6.97 -12.16
N VAL C 90 21.74 7.37 -11.02
CA VAL C 90 22.53 7.97 -9.95
C VAL C 90 23.61 7.00 -9.50
N ALA C 91 23.24 5.73 -9.31
CA ALA C 91 24.22 4.74 -8.92
C ALA C 91 25.30 4.61 -9.98
N ASP C 92 24.88 4.59 -11.25
CA ASP C 92 25.84 4.49 -12.34
C ASP C 92 26.76 5.70 -12.38
N THR C 93 26.26 6.86 -11.94
CA THR C 93 27.12 8.03 -11.90
C THR C 93 28.03 8.00 -10.68
N LEU C 94 27.57 7.38 -9.59
CA LEU C 94 28.38 7.36 -8.38
C LEU C 94 29.33 6.16 -8.35
N GLY C 95 28.98 5.08 -9.05
CA GLY C 95 29.86 3.93 -9.13
C GLY C 95 29.73 2.95 -7.98
N HIS C 96 28.62 2.96 -7.26
CA HIS C 96 28.42 2.05 -6.16
C HIS C 96 27.42 0.97 -6.55
N ASN C 97 27.46 -0.14 -5.82
CA ASN C 97 26.62 -1.29 -6.11
C ASN C 97 25.15 -0.98 -5.82
N PHE C 98 24.27 -1.47 -6.69
CA PHE C 98 22.86 -1.16 -6.62
C PHE C 98 21.95 -2.38 -6.75
N GLY C 99 22.52 -3.55 -7.03
CA GLY C 99 21.71 -4.74 -7.26
C GLY C 99 21.46 -5.58 -6.02
N ASP C 100 20.19 -5.63 -5.59
CA ASP C 100 19.75 -6.44 -4.45
C ASP C 100 20.51 -6.09 -3.18
N VAL C 101 20.80 -4.79 -2.99
CA VAL C 101 21.49 -4.30 -1.81
C VAL C 101 20.77 -3.06 -1.31
N GLY C 102 21.00 -2.75 -0.04
CA GLY C 102 20.42 -1.57 0.57
C GLY C 102 19.04 -1.83 1.15
N PRO C 103 18.30 -0.76 1.39
CA PRO C 103 16.96 -0.91 1.97
C PRO C 103 15.97 -1.48 0.97
N PHE C 104 14.94 -2.15 1.49
CA PHE C 104 13.88 -2.71 0.67
C PHE C 104 12.69 -1.76 0.71
N ILE C 105 12.42 -1.09 -0.40
CA ILE C 105 11.30 -0.18 -0.53
C ILE C 105 10.46 -0.62 -1.73
N ILE C 106 9.15 -0.75 -1.52
CA ILE C 106 8.25 -1.11 -2.62
C ILE C 106 8.08 0.10 -3.52
N GLY C 107 8.32 -0.10 -4.81
CA GLY C 107 8.27 0.97 -5.78
C GLY C 107 9.64 1.51 -6.19
N PHE C 108 10.71 1.05 -5.55
CA PHE C 108 12.06 1.45 -5.90
C PHE C 108 12.79 0.26 -6.53
N GLY C 109 13.66 0.54 -7.48
CA GLY C 109 14.25 -0.49 -8.29
C GLY C 109 15.59 -1.03 -7.83
N ASN C 110 15.96 -0.80 -6.57
CA ASN C 110 17.19 -1.36 -6.05
C ASN C 110 17.12 -2.87 -5.91
N TYR C 111 15.91 -3.44 -5.91
CA TYR C 111 15.71 -4.87 -5.99
C TYR C 111 15.00 -5.19 -7.31
N ARG C 112 15.17 -6.42 -7.79
CA ARG C 112 14.87 -6.74 -9.18
C ARG C 112 13.39 -6.56 -9.50
N TYR C 113 12.50 -7.03 -8.63
CA TYR C 113 11.07 -6.99 -8.91
C TYR C 113 10.30 -6.16 -7.88
N ALA C 114 11.00 -5.37 -7.07
CA ALA C 114 10.33 -4.53 -6.09
C ALA C 114 9.69 -3.30 -6.73
N ASP C 115 10.28 -2.78 -7.81
CA ASP C 115 9.68 -1.64 -8.51
C ASP C 115 8.43 -2.07 -9.27
N TYR C 116 8.40 -3.29 -9.79
CA TYR C 116 7.25 -3.77 -10.54
C TYR C 116 6.01 -3.93 -9.67
N MET C 117 6.19 -4.05 -8.35
CA MET C 117 5.06 -4.27 -7.46
C MET C 117 4.05 -3.13 -7.52
N LEU C 118 4.55 -1.90 -7.62
CA LEU C 118 3.67 -0.74 -7.66
C LEU C 118 2.99 -0.57 -9.02
N THR C 119 3.69 -0.85 -10.11
CA THR C 119 3.24 -0.48 -11.44
C THR C 119 2.52 -1.59 -12.19
N CYS C 120 2.89 -2.85 -11.98
CA CYS C 120 2.29 -3.94 -12.74
C CYS C 120 0.79 -4.12 -12.48
N PRO C 121 0.29 -4.11 -11.24
CA PRO C 121 -1.17 -4.16 -11.06
C PRO C 121 -1.91 -3.02 -11.75
N MET C 122 -1.32 -1.82 -11.75
CA MET C 122 -1.93 -0.71 -12.48
C MET C 122 -1.95 -0.99 -13.98
N LEU C 123 -0.87 -1.59 -14.50
CA LEU C 123 -0.85 -1.97 -15.91
C LEU C 123 -1.96 -2.97 -16.24
N VAL C 124 -2.12 -3.99 -15.39
CA VAL C 124 -3.13 -5.02 -15.64
C VAL C 124 -4.53 -4.44 -15.58
N TYR C 125 -4.81 -3.61 -14.57
CA TYR C 125 -6.14 -3.02 -14.45
C TYR C 125 -6.40 -2.07 -15.62
N ASP C 126 -5.40 -1.27 -16.00
CA ASP C 126 -5.56 -0.35 -17.13
C ASP C 126 -5.84 -1.11 -18.42
N LEU C 127 -5.19 -2.25 -18.62
CA LEU C 127 -5.43 -3.04 -19.82
C LEU C 127 -6.81 -3.69 -19.80
N LEU C 128 -7.25 -4.16 -18.63
CA LEU C 128 -8.55 -4.83 -18.57
C LEU C 128 -9.71 -3.85 -18.63
N TYR C 129 -9.48 -2.59 -18.26
CA TYR C 129 -10.54 -1.58 -18.28
C TYR C 129 -10.92 -1.23 -19.72
N GLN C 130 -9.95 -1.18 -20.63
CA GLN C 130 -10.22 -0.75 -22.01
C GLN C 130 -11.22 -1.65 -22.71
N LEU C 131 -11.42 -2.87 -22.22
CA LEU C 131 -12.47 -3.74 -22.73
C LEU C 131 -13.63 -3.88 -21.74
N ARG C 132 -13.60 -3.16 -20.63
CA ARG C 132 -14.61 -3.26 -19.56
C ARG C 132 -14.72 -4.69 -19.06
N ALA C 133 -13.59 -5.36 -18.95
CA ALA C 133 -13.50 -6.77 -18.59
C ALA C 133 -13.80 -6.97 -17.11
N PRO C 134 -14.34 -8.14 -16.74
CA PRO C 134 -14.48 -8.47 -15.33
C PRO C 134 -13.17 -9.00 -14.76
N TYR C 135 -13.17 -9.17 -13.43
CA TYR C 135 -12.01 -9.68 -12.68
C TYR C 135 -10.77 -8.82 -12.90
N ARG C 136 -10.88 -7.56 -12.51
CA ARG C 136 -9.77 -6.61 -12.69
C ARG C 136 -8.89 -6.51 -11.45
N VAL C 137 -9.51 -6.33 -10.28
CA VAL C 137 -8.73 -6.26 -9.04
C VAL C 137 -8.13 -7.62 -8.70
N SER C 138 -8.83 -8.70 -9.05
CA SER C 138 -8.31 -10.04 -8.77
C SER C 138 -7.01 -10.30 -9.53
N CYS C 139 -6.98 -9.92 -10.82
CA CYS C 139 -5.77 -10.09 -11.61
C CYS C 139 -4.64 -9.23 -11.09
N SER C 140 -4.95 -8.00 -10.65
CA SER C 140 -3.94 -7.14 -10.08
C SER C 140 -3.35 -7.73 -8.80
N ALA C 141 -4.20 -8.30 -7.95
CA ALA C 141 -3.73 -8.92 -6.72
C ALA C 141 -2.86 -10.14 -7.00
N ILE C 142 -3.26 -10.97 -7.96
CA ILE C 142 -2.47 -12.16 -8.25
C ILE C 142 -1.14 -11.79 -8.91
N ILE C 143 -1.11 -10.70 -9.68
CA ILE C 143 0.15 -10.22 -10.24
C ILE C 143 1.06 -9.69 -9.13
N PHE C 144 0.48 -9.00 -8.14
CA PHE C 144 1.24 -8.55 -6.99
C PHE C 144 1.85 -9.74 -6.24
N ALA C 145 1.07 -10.81 -6.07
CA ALA C 145 1.59 -12.01 -5.41
C ALA C 145 2.70 -12.67 -6.22
N ILE C 146 2.57 -12.68 -7.55
CA ILE C 146 3.61 -13.24 -8.41
C ILE C 146 4.90 -12.46 -8.28
N LEU C 147 4.79 -11.12 -8.25
CA LEU C 147 6.00 -10.30 -8.11
C LEU C 147 6.64 -10.48 -6.74
N MET C 148 5.83 -10.66 -5.69
CA MET C 148 6.39 -10.95 -4.38
C MET C 148 7.13 -12.29 -4.37
N SER C 149 6.58 -13.29 -5.05
CA SER C 149 7.27 -14.57 -5.19
C SER C 149 8.58 -14.41 -5.92
N GLY C 150 8.61 -13.59 -6.97
CA GLY C 150 9.85 -13.32 -7.68
C GLY C 150 10.89 -12.64 -6.80
N VAL C 151 10.45 -11.71 -5.94
CA VAL C 151 11.36 -11.04 -5.03
C VAL C 151 11.95 -12.04 -4.03
N LEU C 152 11.13 -12.92 -3.48
CA LEU C 152 11.65 -13.95 -2.58
C LEU C 152 12.62 -14.89 -3.28
N ALA C 153 12.33 -15.24 -4.54
CA ALA C 153 13.27 -16.06 -5.29
C ALA C 153 14.60 -15.33 -5.50
N GLU C 154 14.54 -14.03 -5.74
CA GLU C 154 15.77 -13.23 -5.87
C GLU C 154 16.56 -13.22 -4.57
N PHE C 155 15.86 -13.14 -3.43
CA PHE C 155 16.53 -13.22 -2.14
C PHE C 155 17.21 -14.57 -1.95
N TYR C 156 16.53 -15.65 -2.30
CA TYR C 156 17.08 -16.99 -2.08
C TYR C 156 18.24 -17.30 -3.03
N ALA C 157 18.22 -16.74 -4.24
CA ALA C 157 19.23 -17.09 -5.22
C ALA C 157 20.57 -16.45 -4.92
N GLU C 158 20.58 -15.29 -4.29
CA GLU C 158 21.80 -14.51 -4.10
C GLU C 158 22.47 -14.74 -2.75
N GLY C 159 21.94 -15.63 -1.93
CA GLY C 159 22.43 -15.82 -0.58
C GLY C 159 23.30 -17.04 -0.41
N ASP C 160 23.11 -17.73 0.72
CA ASP C 160 23.88 -18.93 1.02
C ASP C 160 23.54 -20.04 0.02
N PRO C 161 24.55 -20.69 -0.56
CA PRO C 161 24.27 -21.79 -1.49
C PRO C 161 23.51 -22.95 -0.86
N ARG C 162 23.53 -23.08 0.46
CA ARG C 162 22.75 -24.12 1.13
C ARG C 162 21.25 -23.92 0.94
N LEU C 163 20.81 -22.69 0.69
CA LEU C 163 19.40 -22.36 0.52
C LEU C 163 19.04 -22.01 -0.92
N ARG C 164 19.75 -22.59 -1.89
CA ARG C 164 19.54 -22.24 -3.29
C ARG C 164 18.20 -22.77 -3.81
N ASN C 165 17.73 -23.90 -3.25
CA ASN C 165 16.53 -24.54 -3.76
C ASN C 165 15.25 -23.77 -3.44
N GLY C 166 15.31 -22.81 -2.51
CA GLY C 166 14.14 -21.98 -2.25
C GLY C 166 13.77 -21.08 -3.41
N ALA C 167 14.78 -20.64 -4.17
CA ALA C 167 14.51 -19.83 -5.36
C ALA C 167 13.71 -20.61 -6.39
N TYR C 168 14.04 -21.89 -6.58
CA TYR C 168 13.29 -22.72 -7.53
C TYR C 168 11.86 -22.93 -7.06
N ALA C 169 11.66 -23.12 -5.76
CA ALA C 169 10.31 -23.30 -5.22
C ALA C 169 9.47 -22.04 -5.43
N TRP C 170 10.05 -20.87 -5.15
CA TRP C 170 9.31 -19.62 -5.33
C TRP C 170 9.05 -19.35 -6.79
N TYR C 171 10.00 -19.69 -7.67
CA TYR C 171 9.79 -19.54 -9.10
C TYR C 171 8.67 -20.45 -9.58
N GLY C 172 8.62 -21.69 -9.09
CA GLY C 172 7.53 -22.58 -9.47
C GLY C 172 6.17 -22.09 -8.99
N PHE C 173 6.11 -21.58 -7.76
CA PHE C 173 4.88 -20.97 -7.24
C PHE C 173 4.41 -19.83 -8.14
N GLY C 174 5.33 -18.90 -8.45
CA GLY C 174 4.98 -17.79 -9.30
C GLY C 174 4.57 -18.20 -10.70
N CYS C 175 5.25 -19.21 -11.26
CA CYS C 175 4.94 -19.67 -12.61
C CYS C 175 3.57 -20.36 -12.66
N PHE C 176 3.25 -21.15 -11.63
CA PHE C 176 1.93 -21.78 -11.56
C PHE C 176 0.83 -20.73 -11.54
N TRP C 177 0.95 -19.75 -10.65
CA TRP C 177 -0.10 -18.73 -10.59
C TRP C 177 -0.10 -17.83 -11.82
N PHE C 178 1.07 -17.63 -12.44
CA PHE C 178 1.13 -16.85 -13.67
C PHE C 178 0.45 -17.56 -14.82
N ILE C 179 0.61 -18.88 -14.93
CA ILE C 179 -0.08 -19.63 -15.97
C ILE C 179 -1.58 -19.54 -15.77
N PHE C 180 -2.03 -19.68 -14.52
CA PHE C 180 -3.46 -19.53 -14.22
C PHE C 180 -3.98 -18.15 -14.64
N ALA C 181 -3.30 -17.09 -14.19
CA ALA C 181 -3.75 -15.74 -14.49
C ALA C 181 -3.67 -15.44 -15.98
N TYR C 182 -2.64 -15.94 -16.66
CA TYR C 182 -2.49 -15.78 -18.10
C TYR C 182 -3.66 -16.39 -18.85
N SER C 183 -4.03 -17.62 -18.50
CA SER C 183 -5.17 -18.26 -19.16
C SER C 183 -6.45 -17.49 -18.92
N ILE C 184 -6.68 -17.05 -17.67
CA ILE C 184 -7.89 -16.31 -17.35
C ILE C 184 -7.96 -15.01 -18.14
N VAL C 185 -6.85 -14.27 -18.19
CA VAL C 185 -6.81 -12.99 -18.88
C VAL C 185 -7.03 -13.17 -20.37
N MET C 186 -6.38 -14.19 -20.96
CA MET C 186 -6.56 -14.45 -22.40
C MET C 186 -8.01 -14.76 -22.72
N SER C 187 -8.65 -15.62 -21.91
CA SER C 187 -10.04 -15.97 -22.17
C SER C 187 -10.95 -14.75 -22.06
N ILE C 188 -10.76 -13.95 -21.00
CA ILE C 188 -11.64 -12.80 -20.77
C ILE C 188 -11.46 -11.77 -21.88
N VAL C 189 -10.21 -11.49 -22.26
CA VAL C 189 -9.95 -10.49 -23.29
C VAL C 189 -10.51 -10.95 -24.63
N ALA C 190 -10.35 -12.24 -24.96
CA ALA C 190 -10.90 -12.75 -26.22
C ALA C 190 -12.42 -12.63 -26.24
N LYS C 191 -13.09 -12.99 -25.13
CA LYS C 191 -14.54 -12.90 -25.09
C LYS C 191 -15.01 -11.45 -25.23
N GLN C 192 -14.36 -10.53 -24.51
CA GLN C 192 -14.77 -9.14 -24.56
C GLN C 192 -14.55 -8.54 -25.94
N TYR C 193 -13.43 -8.87 -26.58
CA TYR C 193 -13.20 -8.35 -27.92
C TYR C 193 -14.15 -8.95 -28.94
N SER C 194 -14.52 -10.23 -28.76
CA SER C 194 -15.51 -10.82 -29.66
C SER C 194 -16.85 -10.11 -29.54
N ARG C 195 -17.27 -9.81 -28.31
CA ARG C 195 -18.53 -9.10 -28.12
C ARG C 195 -18.45 -7.68 -28.68
N LEU C 196 -17.31 -7.00 -28.50
CA LEU C 196 -17.15 -5.67 -29.05
C LEU C 196 -17.18 -5.69 -30.58
N ALA C 197 -16.56 -6.69 -31.19
CA ALA C 197 -16.56 -6.79 -32.64
C ALA C 197 -17.97 -7.08 -33.17
N GLN C 198 -18.72 -7.93 -32.48
CA GLN C 198 -20.08 -8.22 -32.93
C GLN C 198 -21.07 -7.10 -32.59
N LEU C 199 -20.68 -6.17 -31.72
CA LEU C 199 -21.53 -5.01 -31.44
C LEU C 199 -21.31 -3.84 -32.39
N ALA C 200 -20.19 -3.82 -33.12
CA ALA C 200 -19.82 -2.69 -33.96
C ALA C 200 -19.94 -3.01 -35.45
N GLN C 201 -20.90 -3.84 -35.83
CA GLN C 201 -21.11 -4.13 -37.24
C GLN C 201 -21.82 -2.96 -37.92
N ASP C 202 -21.25 -2.52 -39.05
CA ASP C 202 -21.80 -1.42 -39.85
C ASP C 202 -21.98 -0.15 -39.02
N THR C 203 -20.93 0.18 -38.25
CA THR C 203 -20.94 1.36 -37.41
C THR C 203 -19.94 2.42 -37.83
N GLY C 204 -18.80 2.02 -38.40
CA GLY C 204 -17.76 2.96 -38.77
C GLY C 204 -16.56 2.99 -37.86
N ALA C 205 -16.59 2.23 -36.76
CA ALA C 205 -15.46 2.12 -35.85
C ALA C 205 -14.48 1.03 -36.25
N GLU C 206 -14.49 0.62 -37.52
CA GLU C 206 -13.60 -0.44 -37.97
C GLU C 206 -12.14 -0.04 -37.88
N HIS C 207 -11.84 1.22 -38.25
CA HIS C 207 -10.45 1.69 -38.16
C HIS C 207 -9.99 1.82 -36.72
N SER C 208 -10.87 2.29 -35.84
CA SER C 208 -10.50 2.49 -34.44
C SER C 208 -10.40 1.20 -33.66
N LEU C 209 -10.93 0.10 -34.19
CA LEU C 209 -10.83 -1.19 -33.52
C LEU C 209 -9.47 -1.86 -33.69
N HIS C 210 -8.79 -1.59 -34.82
CA HIS C 210 -7.51 -2.23 -35.09
C HIS C 210 -6.47 -1.84 -34.06
N VAL C 211 -6.41 -0.55 -33.70
CA VAL C 211 -5.41 -0.08 -32.74
C VAL C 211 -5.65 -0.71 -31.38
N LEU C 212 -6.90 -0.74 -30.93
CA LEU C 212 -7.23 -1.32 -29.64
C LEU C 212 -6.91 -2.82 -29.62
N LYS C 213 -7.27 -3.54 -30.69
CA LYS C 213 -6.99 -4.96 -30.77
C LYS C 213 -5.50 -5.23 -30.71
N PHE C 214 -4.73 -4.51 -31.54
CA PHE C 214 -3.28 -4.70 -31.56
C PHE C 214 -2.69 -4.43 -30.18
N ALA C 215 -3.09 -3.32 -29.55
CA ALA C 215 -2.54 -2.97 -28.25
C ALA C 215 -2.84 -4.05 -27.22
N VAL C 216 -4.11 -4.41 -27.06
CA VAL C 216 -4.46 -5.33 -25.98
C VAL C 216 -3.85 -6.71 -26.21
N PHE C 217 -3.95 -7.25 -27.43
CA PHE C 217 -3.42 -8.59 -27.67
C PHE C 217 -1.90 -8.61 -27.57
N THR C 218 -1.21 -7.66 -28.21
CA THR C 218 0.25 -7.69 -28.20
C THR C 218 0.80 -7.47 -26.80
N PHE C 219 0.31 -6.46 -26.09
CA PHE C 219 0.89 -6.16 -24.79
C PHE C 219 0.31 -7.01 -23.66
N SER C 220 -0.67 -7.86 -23.93
CA SER C 220 -1.01 -8.90 -22.98
C SER C 220 -0.27 -10.19 -23.27
N MET C 221 0.08 -10.45 -24.53
CA MET C 221 0.85 -11.64 -24.87
C MET C 221 2.32 -11.48 -24.51
N LEU C 222 2.86 -10.27 -24.57
CA LEU C 222 4.28 -10.06 -24.32
C LEU C 222 4.66 -10.08 -22.84
N TRP C 223 3.76 -10.50 -21.95
CA TRP C 223 4.10 -10.59 -20.54
C TRP C 223 4.85 -11.87 -20.18
N ILE C 224 5.01 -12.79 -21.12
CA ILE C 224 5.70 -14.05 -20.87
C ILE C 224 7.22 -13.90 -21.03
N LEU C 225 7.69 -12.73 -21.45
CA LEU C 225 9.12 -12.53 -21.65
C LEU C 225 9.88 -12.55 -20.32
N PHE C 226 9.28 -12.02 -19.25
CA PHE C 226 9.97 -11.96 -17.96
C PHE C 226 10.28 -13.35 -17.39
N PRO C 227 9.36 -14.32 -17.36
CA PRO C 227 9.77 -15.68 -16.95
C PRO C 227 10.83 -16.29 -17.84
N LEU C 228 10.79 -16.02 -19.14
CA LEU C 228 11.84 -16.54 -20.03
C LEU C 228 13.19 -15.91 -19.73
N VAL C 229 13.20 -14.60 -19.45
CA VAL C 229 14.44 -13.92 -19.06
C VAL C 229 14.97 -14.52 -17.76
N TRP C 230 14.08 -14.80 -16.81
CA TRP C 230 14.50 -15.46 -15.57
C TRP C 230 15.09 -16.83 -15.87
N ALA C 231 14.50 -17.57 -16.81
CA ALA C 231 14.99 -18.90 -17.13
C ALA C 231 16.37 -18.85 -17.76
N ILE C 232 16.61 -17.90 -18.67
CA ILE C 232 17.87 -17.86 -19.41
C ILE C 232 18.98 -17.10 -18.70
N CYS C 233 18.66 -16.32 -17.67
CA CYS C 233 19.66 -15.57 -16.91
C CYS C 233 20.36 -16.53 -15.95
N PRO C 234 21.41 -16.08 -15.24
CA PRO C 234 22.11 -16.99 -14.32
C PRO C 234 21.24 -17.59 -13.23
N ARG C 235 20.07 -17.03 -12.95
CA ARG C 235 19.15 -17.66 -12.01
C ARG C 235 18.69 -19.02 -12.52
N GLY C 236 18.63 -19.20 -13.84
CA GLY C 236 18.23 -20.47 -14.42
C GLY C 236 19.38 -21.20 -15.08
N PHE C 237 19.29 -21.38 -16.41
CA PHE C 237 20.33 -22.09 -17.13
C PHE C 237 21.62 -21.28 -17.19
N GLY C 238 21.52 -19.96 -17.27
CA GLY C 238 22.71 -19.13 -17.34
C GLY C 238 23.27 -18.96 -18.74
N TRP C 239 22.42 -18.98 -19.76
CA TRP C 239 22.90 -18.79 -21.13
C TRP C 239 23.38 -17.38 -21.38
N ILE C 240 22.99 -16.42 -20.55
CA ILE C 240 23.47 -15.05 -20.61
C ILE C 240 24.00 -14.67 -19.25
N ASP C 241 24.83 -13.63 -19.22
CA ASP C 241 25.46 -13.19 -17.98
C ASP C 241 24.63 -12.08 -17.33
N ASP C 242 25.14 -11.55 -16.21
CA ASP C 242 24.43 -10.51 -15.48
C ASP C 242 24.37 -9.19 -16.24
N ASN C 243 25.36 -8.91 -17.08
CA ASN C 243 25.40 -7.66 -17.83
C ASN C 243 24.39 -7.60 -18.96
N TRP C 244 24.10 -8.74 -19.60
CA TRP C 244 23.09 -8.79 -20.64
C TRP C 244 21.69 -9.01 -20.09
N THR C 245 21.56 -9.35 -18.81
CA THR C 245 20.24 -9.44 -18.20
C THR C 245 19.64 -8.05 -17.99
N GLU C 246 20.49 -7.08 -17.66
CA GLU C 246 20.02 -5.70 -17.51
C GLU C 246 19.50 -5.15 -18.84
N VAL C 247 20.18 -5.47 -19.94
CA VAL C 247 19.74 -5.03 -21.26
C VAL C 247 18.39 -5.65 -21.60
N ALA C 248 18.22 -6.94 -21.32
CA ALA C 248 16.96 -7.61 -21.58
C ALA C 248 15.83 -7.01 -20.75
N HIS C 249 16.11 -6.72 -19.47
CA HIS C 249 15.09 -6.12 -18.62
C HIS C 249 14.72 -4.71 -19.10
N CYS C 250 15.72 -3.94 -19.54
CA CYS C 250 15.44 -2.60 -20.06
C CYS C 250 14.58 -2.65 -21.30
N VAL C 251 14.89 -3.57 -22.23
CA VAL C 251 14.08 -3.73 -23.43
C VAL C 251 12.67 -4.17 -23.07
N CYS C 252 12.54 -5.08 -22.11
CA CYS C 252 11.22 -5.54 -21.69
C CYS C 252 10.39 -4.40 -21.10
N ASP C 253 10.99 -3.56 -20.25
CA ASP C 253 10.26 -2.43 -19.69
C ASP C 253 9.87 -1.43 -20.76
N ILE C 254 10.78 -1.15 -21.70
CA ILE C 254 10.48 -0.22 -22.78
C ILE C 254 9.27 -0.69 -23.56
N VAL C 255 9.30 -1.95 -24.00
CA VAL C 255 8.20 -2.48 -24.81
C VAL C 255 6.91 -2.54 -24.00
N ALA C 256 6.99 -2.97 -22.74
CA ALA C 256 5.79 -3.18 -21.96
C ALA C 256 5.13 -1.89 -21.51
N LYS C 257 5.90 -0.79 -21.42
CA LYS C 257 5.36 0.44 -20.87
C LYS C 257 5.27 1.57 -21.89
N SER C 258 6.38 1.92 -22.54
CA SER C 258 6.36 3.09 -23.42
C SER C 258 5.53 2.83 -24.67
N CYS C 259 5.72 1.66 -25.29
CA CYS C 259 4.95 1.32 -26.49
C CYS C 259 3.47 1.18 -26.16
N TYR C 260 3.16 0.59 -25.01
CA TYR C 260 1.76 0.44 -24.61
C TYR C 260 1.10 1.79 -24.36
N GLY C 261 1.80 2.70 -23.68
CA GLY C 261 1.25 4.03 -23.47
C GLY C 261 1.06 4.80 -24.76
N PHE C 262 2.03 4.69 -25.68
CA PHE C 262 1.88 5.35 -26.97
C PHE C 262 0.73 4.76 -27.77
N ALA C 263 0.54 3.45 -27.68
CA ALA C 263 -0.59 2.81 -28.36
C ALA C 263 -1.93 3.28 -27.81
N LEU C 264 -2.03 3.40 -26.48
CA LEU C 264 -3.26 3.93 -25.89
C LEU C 264 -3.49 5.38 -26.29
N ALA C 265 -2.43 6.18 -26.33
CA ALA C 265 -2.57 7.57 -26.77
C ALA C 265 -3.03 7.67 -28.22
N ARG C 266 -2.51 6.79 -29.08
CA ARG C 266 -2.95 6.76 -30.46
C ARG C 266 -4.40 6.31 -30.58
N PHE C 267 -4.82 5.34 -29.76
CA PHE C 267 -6.20 4.89 -29.81
C PHE C 267 -7.17 5.94 -29.28
N ARG C 268 -6.75 6.72 -28.28
CA ARG C 268 -7.68 7.64 -27.62
C ARG C 268 -8.02 8.83 -28.51
N LYS C 269 -7.15 9.17 -29.45
CA LYS C 269 -7.39 10.34 -30.30
C LYS C 269 -8.18 10.02 -31.56
N THR C 270 -8.60 8.76 -31.75
CA THR C 270 -9.37 8.39 -32.92
C THR C 270 -10.75 7.84 -32.62
N TYR C 271 -11.04 7.47 -31.38
CA TYR C 271 -12.36 6.96 -31.04
C TYR C 271 -13.28 8.10 -30.60
N ASP C 272 -14.58 7.85 -30.70
CA ASP C 272 -15.59 8.90 -30.52
C ASP C 272 -16.78 8.29 -29.79
N GLU C 273 -17.93 8.98 -29.86
CA GLU C 273 -19.03 8.73 -28.94
C GLU C 273 -19.62 7.32 -29.07
N GLU C 274 -19.81 6.85 -30.31
CA GLU C 274 -20.47 5.55 -30.49
C GLU C 274 -19.59 4.41 -29.98
N LEU C 275 -18.28 4.49 -30.20
CA LEU C 275 -17.39 3.46 -29.66
C LEU C 275 -17.38 3.52 -28.13
N PHE C 276 -17.46 4.72 -27.57
CA PHE C 276 -17.52 4.87 -26.12
C PHE C 276 -18.78 4.25 -25.54
N ARG C 277 -19.93 4.46 -26.20
CA ARG C 277 -21.16 3.88 -25.68
C ARG C 277 -21.20 2.37 -25.89
N LEU C 278 -20.57 1.86 -26.96
CA LEU C 278 -20.42 0.41 -27.09
C LEU C 278 -19.55 -0.16 -25.98
N LEU C 279 -18.46 0.54 -25.64
CA LEU C 279 -17.62 0.11 -24.52
C LEU C 279 -18.40 0.13 -23.21
N GLU C 280 -19.25 1.13 -23.01
CA GLU C 280 -20.10 1.17 -21.83
C GLU C 280 -21.08 0.00 -21.81
N GLN C 281 -21.65 -0.34 -22.97
CA GLN C 281 -22.57 -1.48 -23.04
C GLN C 281 -21.85 -2.80 -22.80
N LEU C 282 -20.54 -2.84 -23.07
CA LEU C 282 -19.78 -4.08 -22.88
C LEU C 282 -19.80 -4.55 -21.43
N GLY C 283 -19.60 -3.64 -20.49
CA GLY C 283 -19.46 -4.03 -19.10
C GLY C 283 -20.75 -4.08 -18.32
N HIS C 284 -21.83 -4.56 -18.95
CA HIS C 284 -23.13 -4.63 -18.29
C HIS C 284 -23.82 -5.98 -18.42
N ASP C 285 -23.49 -6.78 -19.43
CA ASP C 285 -24.13 -8.09 -19.59
C ASP C 285 -23.10 -9.21 -19.40
#